data_7SMC
#
_entry.id   7SMC
#
_cell.length_a   62.863
_cell.length_b   62.923
_cell.length_c   71.274
_cell.angle_alpha   69.89
_cell.angle_beta   76.00
_cell.angle_gamma   74.36
#
_symmetry.space_group_name_H-M   'P 1'
#
loop_
_entity.id
_entity.type
_entity.pdbx_description
1 polymer 'Retinoblastoma-like protein 1'
2 polymer 'AT-rich interactive domain-containing protein 4A'
3 non-polymer 'SULFATE ION'
4 water water
#
loop_
_entity_poly.entity_id
_entity_poly.type
_entity_poly.pdbx_seq_one_letter_code
_entity_poly.pdbx_strand_id
1 'polypeptide(L)'
;GEFTQSVSRLQSIVAGLKNAPSDQLINIFESCVRNPVENIMKILKGIGETFCQHYTQSTDEQPGSHIDFAVNRLKLAEIL
YYKILETVMVQETRRLHGMDMSVLLEQDIFHRSLMACCLEIVLFAYSSPRTFPWIIEVLNLQPFYFYKVIEVVIRSEEGL
SRDMVKHLNSIEEQILESLAWSHDSALWEALQVSANKVPTCEEVIFPNNFETGNNRPKRTGSLALFYRKVYHLASVRLRD
LCLKLDVSNELRRKIWTCFEFTLVHCPDLMKDRHLDQLLLCAFYIMAKVTKEERTFQEIMKSYRNQPQANSHVYRSVLLK
SIKEERGDLIKFYNTIYVGRVKSFALKYDLANQDHMMDAPPLSPFPHIKQQ
;
A,C
2 'polypeptide(L)' GPETLVCHEVDLDDL B,D
#
# COMPACT_ATOMS: atom_id res chain seq x y z
N GLU A 2 13.21 17.48 -37.15
CA GLU A 2 14.23 16.55 -36.61
C GLU A 2 13.67 15.86 -35.37
N PHE A 3 13.12 16.62 -34.45
CA PHE A 3 12.56 16.06 -33.20
C PHE A 3 11.07 15.84 -33.38
N THR A 4 10.52 14.92 -32.61
CA THR A 4 9.10 14.56 -32.71
C THR A 4 8.28 15.76 -32.23
N GLN A 5 7.05 15.88 -32.72
CA GLN A 5 6.23 17.00 -32.25
C GLN A 5 6.19 17.00 -30.73
N SER A 6 6.26 15.84 -30.07
CA SER A 6 6.13 15.85 -28.62
C SER A 6 7.47 16.06 -27.93
N VAL A 7 8.56 15.50 -28.48
CA VAL A 7 9.87 15.78 -27.90
C VAL A 7 10.25 17.25 -28.12
N SER A 8 9.80 17.84 -29.23
CA SER A 8 10.16 19.24 -29.36
C SER A 8 9.23 20.12 -28.53
N ARG A 9 8.00 19.71 -28.27
CA ARG A 9 7.16 20.52 -27.33
C ARG A 9 7.72 20.49 -25.90
N LEU A 10 8.22 19.35 -25.46
CA LEU A 10 8.79 19.23 -24.11
C LEU A 10 9.99 20.14 -23.99
N GLN A 11 10.76 20.25 -25.05
CA GLN A 11 12.00 21.05 -25.03
C GLN A 11 11.68 22.53 -24.99
N SER A 12 10.51 22.93 -25.44
CA SER A 12 10.07 24.34 -25.43
C SER A 12 9.64 24.72 -24.02
N ILE A 13 8.90 23.84 -23.37
CA ILE A 13 8.41 24.12 -22.01
C ILE A 13 9.61 24.25 -21.09
N VAL A 14 10.57 23.34 -21.17
CA VAL A 14 11.73 23.23 -20.24
C VAL A 14 12.86 24.19 -20.62
N ALA A 15 12.67 25.03 -21.64
CA ALA A 15 13.75 25.86 -22.18
C ALA A 15 14.05 27.08 -21.30
N GLY A 16 15.32 27.24 -20.94
CA GLY A 16 15.74 28.35 -20.08
C GLY A 16 15.54 28.08 -18.61
N LEU A 17 15.04 26.90 -18.28
CA LEU A 17 14.71 26.63 -16.86
C LEU A 17 15.64 25.56 -16.32
N LYS A 18 15.60 25.35 -15.02
CA LYS A 18 16.57 24.45 -14.39
C LYS A 18 15.92 23.38 -13.54
N ASN A 19 16.73 22.43 -13.11
CA ASN A 19 16.27 21.29 -12.28
C ASN A 19 16.33 21.73 -10.83
N ALA A 20 15.92 22.96 -10.58
CA ALA A 20 16.05 23.54 -9.25
C ALA A 20 15.00 24.63 -9.09
N PRO A 21 14.55 24.90 -7.86
CA PRO A 21 13.54 25.90 -7.62
C PRO A 21 13.96 27.30 -8.10
N SER A 22 13.00 28.08 -8.61
CA SER A 22 13.49 29.42 -9.00
C SER A 22 13.33 30.39 -7.84
N ASP A 23 13.92 31.57 -8.01
CA ASP A 23 14.06 32.57 -6.92
C ASP A 23 12.66 32.92 -6.43
N GLN A 24 11.66 32.81 -7.28
CA GLN A 24 10.25 33.09 -6.94
C GLN A 24 9.65 31.94 -6.12
N LEU A 25 9.99 30.71 -6.45
CA LEU A 25 9.52 29.54 -5.66
C LEU A 25 10.28 29.48 -4.34
N ILE A 26 11.55 29.87 -4.32
CA ILE A 26 12.34 29.90 -3.06
C ILE A 26 11.83 31.04 -2.17
N ASN A 27 11.28 32.09 -2.76
CA ASN A 27 10.66 33.18 -1.97
C ASN A 27 9.31 32.71 -1.40
N ILE A 28 8.68 31.69 -1.97
CA ILE A 28 7.40 31.12 -1.47
C ILE A 28 7.72 30.00 -0.47
N PHE A 29 8.86 29.36 -0.63
CA PHE A 29 9.33 28.29 0.27
C PHE A 29 9.80 28.89 1.60
N GLU A 30 10.36 30.09 1.57
CA GLU A 30 10.91 30.76 2.77
C GLU A 30 9.80 31.51 3.51
N SER A 31 8.77 31.93 2.81
CA SER A 31 7.58 32.57 3.40
C SER A 31 6.91 31.61 4.35
N CYS A 32 7.15 30.32 4.19
CA CYS A 32 6.55 29.19 4.94
C CYS A 32 7.18 29.09 6.33
N VAL A 33 6.43 28.94 7.42
CA VAL A 33 6.99 28.78 8.80
C VAL A 33 7.92 27.59 8.73
N ARG A 34 7.49 26.57 8.02
CA ARG A 34 8.34 25.38 7.78
C ARG A 34 8.70 25.35 6.29
N ASN A 35 9.92 25.70 5.91
CA ASN A 35 10.41 25.69 4.51
C ASN A 35 10.52 24.26 3.99
N PRO A 36 9.81 23.91 2.90
CA PRO A 36 9.91 22.57 2.32
C PRO A 36 11.07 22.20 1.38
N VAL A 37 11.98 23.12 1.11
CA VAL A 37 13.01 22.87 0.06
C VAL A 37 13.81 21.59 0.27
N GLU A 38 14.31 21.24 1.43
CA GLU A 38 15.14 20.02 1.51
C GLU A 38 14.29 18.74 1.53
N ASN A 39 13.10 18.76 2.05
CA ASN A 39 12.21 17.59 1.92
C ASN A 39 11.91 17.38 0.43
N ILE A 40 11.72 18.48 -0.31
CA ILE A 40 11.38 18.33 -1.74
C ILE A 40 12.58 17.75 -2.47
N MET A 41 13.74 18.26 -2.13
CA MET A 41 14.92 17.78 -2.85
C MET A 41 15.20 16.34 -2.47
N LYS A 42 14.86 15.87 -1.28
CA LYS A 42 15.09 14.46 -0.86
C LYS A 42 14.13 13.53 -1.57
N ILE A 43 12.87 13.94 -1.66
CA ILE A 43 11.89 13.15 -2.43
C ILE A 43 12.44 13.00 -3.84
N LEU A 44 12.98 14.08 -4.38
CA LEU A 44 13.39 14.01 -5.79
C LEU A 44 14.62 13.12 -5.92
N LYS A 45 15.53 13.22 -4.98
CA LYS A 45 16.70 12.36 -5.01
C LYS A 45 16.30 10.89 -4.95
N GLY A 46 15.41 10.51 -4.06
CA GLY A 46 15.12 9.08 -3.96
C GLY A 46 14.17 8.58 -5.01
N ILE A 47 13.47 9.47 -5.68
CA ILE A 47 12.62 9.01 -6.81
C ILE A 47 13.54 8.83 -8.01
N GLY A 48 14.60 9.62 -8.08
CA GLY A 48 15.54 9.51 -9.18
C GLY A 48 16.42 8.31 -9.10
N GLU A 49 16.79 7.95 -7.89
CA GLU A 49 17.59 6.75 -7.63
C GLU A 49 16.77 5.52 -8.04
N THR A 50 15.54 5.45 -7.56
CA THR A 50 14.71 4.24 -7.74
C THR A 50 14.41 4.10 -9.22
N PHE A 51 14.12 5.23 -9.87
CA PHE A 51 13.80 5.20 -11.32
C PHE A 51 15.02 4.66 -12.04
N CYS A 52 16.18 5.20 -11.73
CA CYS A 52 17.42 4.84 -12.45
C CYS A 52 17.70 3.36 -12.25
N GLN A 53 17.52 2.86 -11.04
CA GLN A 53 17.80 1.44 -10.72
C GLN A 53 16.87 0.53 -11.52
N HIS A 54 15.60 0.88 -11.60
CA HIS A 54 14.60 0.07 -12.33
C HIS A 54 14.79 0.24 -13.84
N TYR A 55 15.28 1.39 -14.28
CA TYR A 55 15.52 1.68 -15.71
C TYR A 55 16.77 0.91 -16.14
N THR A 56 17.77 0.83 -15.28
CA THR A 56 19.07 0.16 -15.52
C THR A 56 18.98 -1.37 -15.38
N GLN A 57 17.89 -1.93 -14.86
CA GLN A 57 18.01 -3.39 -14.82
C GLN A 57 16.75 -4.05 -15.37
N SER A 58 17.02 -5.26 -15.87
CA SER A 58 16.09 -5.96 -16.80
C SER A 58 15.16 -6.96 -16.13
N THR A 59 13.93 -6.97 -16.58
CA THR A 59 12.90 -7.91 -16.10
C THR A 59 12.50 -8.74 -17.32
N ASP A 60 11.96 -9.93 -17.10
CA ASP A 60 11.48 -10.80 -18.19
C ASP A 60 10.61 -10.03 -19.19
N GLU A 61 9.86 -9.04 -18.74
CA GLU A 61 8.93 -8.37 -19.69
C GLU A 61 9.44 -6.97 -20.06
N GLN A 62 10.34 -6.36 -19.26
CA GLN A 62 10.93 -5.04 -19.65
C GLN A 62 12.44 -5.10 -19.68
N PRO A 63 13.07 -5.06 -20.87
CA PRO A 63 14.51 -4.97 -20.94
C PRO A 63 14.97 -3.62 -20.37
N GLY A 64 16.03 -3.65 -19.59
CA GLY A 64 16.60 -2.42 -19.01
C GLY A 64 17.41 -1.60 -19.99
N SER A 65 17.51 -0.29 -19.76
CA SER A 65 18.36 0.41 -20.74
C SER A 65 19.46 1.26 -20.07
N HIS A 66 19.97 2.36 -20.62
CA HIS A 66 21.25 2.97 -20.19
C HIS A 66 21.12 4.15 -19.20
N ILE A 67 22.08 4.32 -18.31
CA ILE A 67 22.23 5.40 -17.29
C ILE A 67 22.02 6.80 -17.89
N ASP A 68 22.65 7.04 -19.03
CA ASP A 68 22.70 8.40 -19.63
C ASP A 68 21.34 8.84 -20.17
N PHE A 69 20.56 7.91 -20.73
CA PHE A 69 19.25 8.32 -21.26
C PHE A 69 18.28 8.51 -20.10
N ALA A 70 18.50 7.84 -18.97
CA ALA A 70 17.64 7.99 -17.78
C ALA A 70 17.97 9.26 -17.02
N VAL A 71 19.24 9.65 -17.01
CA VAL A 71 19.65 10.87 -16.27
C VAL A 71 19.14 12.06 -17.06
N ASN A 72 19.06 11.97 -18.38
CA ASN A 72 18.47 13.04 -19.22
C ASN A 72 16.95 13.02 -19.04
N ARG A 73 16.39 11.83 -18.98
CA ARG A 73 14.94 11.68 -18.83
C ARG A 73 14.51 12.22 -17.46
N LEU A 74 15.30 11.99 -16.43
CA LEU A 74 14.99 12.47 -15.06
C LEU A 74 15.22 13.96 -14.93
N LYS A 75 16.24 14.47 -15.58
CA LYS A 75 16.55 15.91 -15.48
C LYS A 75 15.42 16.72 -16.07
N LEU A 76 14.89 16.30 -17.19
CA LEU A 76 13.85 17.10 -17.87
C LEU A 76 12.53 16.98 -17.12
N ALA A 77 12.34 15.90 -16.41
CA ALA A 77 11.14 15.75 -15.58
C ALA A 77 11.27 16.59 -14.32
N GLU A 78 12.47 16.76 -13.82
CA GLU A 78 12.73 17.60 -12.62
C GLU A 78 12.62 19.08 -13.01
N ILE A 79 12.92 19.45 -14.25
CA ILE A 79 12.67 20.84 -14.70
C ILE A 79 11.16 21.07 -14.74
N LEU A 80 10.38 20.16 -15.32
CA LEU A 80 8.89 20.26 -15.43
C LEU A 80 8.23 20.29 -14.05
N TYR A 81 8.81 19.62 -13.07
CA TYR A 81 8.26 19.58 -11.71
C TYR A 81 8.29 20.95 -11.09
N TYR A 82 9.48 21.57 -11.07
CA TYR A 82 9.68 22.90 -10.46
C TYR A 82 8.87 23.97 -11.17
N LYS A 83 8.63 23.81 -12.47
CA LYS A 83 7.78 24.74 -13.22
C LYS A 83 6.33 24.58 -12.83
N ILE A 84 5.84 23.35 -12.76
CA ILE A 84 4.40 23.08 -12.49
C ILE A 84 4.10 23.32 -11.00
N LEU A 85 5.11 23.19 -10.13
CA LEU A 85 4.92 23.42 -8.69
C LEU A 85 4.77 24.90 -8.47
N GLU A 86 5.61 25.70 -9.12
CA GLU A 86 5.50 27.17 -9.03
C GLU A 86 4.13 27.63 -9.50
N THR A 87 3.69 27.17 -10.66
CA THR A 87 2.34 27.54 -11.18
C THR A 87 1.27 27.14 -10.16
N VAL A 88 1.30 25.92 -9.63
CA VAL A 88 0.38 25.38 -8.59
C VAL A 88 0.32 26.33 -7.40
N MET A 89 1.49 26.65 -6.88
CA MET A 89 1.55 27.37 -5.59
C MET A 89 1.26 28.87 -5.73
N VAL A 90 1.72 29.49 -6.81
CA VAL A 90 1.41 30.92 -7.05
C VAL A 90 -0.09 31.02 -7.27
N GLN A 91 -0.70 30.11 -8.03
CA GLN A 91 -2.14 30.20 -8.37
C GLN A 91 -3.02 29.69 -7.22
N GLU A 92 -2.44 29.26 -6.11
CA GLU A 92 -3.20 28.77 -4.93
C GLU A 92 -3.88 29.92 -4.22
N THR A 93 -5.03 29.66 -3.61
CA THR A 93 -5.79 30.73 -2.92
C THR A 93 -5.01 31.28 -1.72
N ARG A 94 -4.27 30.44 -1.00
CA ARG A 94 -3.54 30.90 0.21
C ARG A 94 -2.33 31.76 -0.14
N ARG A 95 -1.91 31.84 -1.39
CA ARG A 95 -0.83 32.78 -1.79
C ARG A 95 -1.45 34.13 -2.14
N LEU A 96 -2.63 34.10 -2.75
CA LEU A 96 -3.36 35.33 -3.12
C LEU A 96 -3.98 36.01 -1.89
N HIS A 97 -4.04 35.33 -0.74
CA HIS A 97 -4.55 35.91 0.52
C HIS A 97 -3.40 36.11 1.51
N GLY A 98 -2.22 35.56 1.25
CA GLY A 98 -1.01 35.82 2.06
C GLY A 98 -0.84 34.93 3.24
N MET A 99 -1.54 33.80 3.25
CA MET A 99 -1.56 32.84 4.36
C MET A 99 -0.38 31.84 4.26
N ASP A 100 0.02 31.20 5.35
CA ASP A 100 1.10 30.18 5.31
C ASP A 100 0.69 28.96 4.52
N MET A 101 1.59 28.43 3.70
CA MET A 101 1.29 27.27 2.84
C MET A 101 2.20 26.12 3.24
N SER A 102 2.58 26.06 4.52
CA SER A 102 3.48 25.00 5.02
C SER A 102 2.77 23.67 4.93
N VAL A 103 1.55 23.61 5.39
CA VAL A 103 0.75 22.36 5.36
C VAL A 103 0.60 21.90 3.90
N LEU A 104 0.34 22.83 3.00
CA LEU A 104 0.07 22.46 1.59
C LEU A 104 1.33 21.97 0.92
N LEU A 105 2.50 22.35 1.42
CA LEU A 105 3.77 22.05 0.78
C LEU A 105 4.50 20.97 1.56
N GLU A 106 3.86 20.38 2.56
CA GLU A 106 4.50 19.24 3.28
C GLU A 106 3.76 17.93 3.02
N GLN A 107 2.89 17.91 2.01
CA GLN A 107 2.19 16.67 1.60
C GLN A 107 3.06 15.94 0.60
N ASP A 108 3.72 14.88 1.07
CA ASP A 108 4.68 14.17 0.19
C ASP A 108 3.98 13.47 -0.94
N ILE A 109 2.77 12.94 -0.74
CA ILE A 109 2.02 12.21 -1.81
C ILE A 109 1.89 13.09 -3.04
N PHE A 110 1.69 14.40 -2.88
CA PHE A 110 1.64 15.33 -4.03
C PHE A 110 2.98 15.39 -4.72
N HIS A 111 4.06 15.64 -3.99
CA HIS A 111 5.40 15.83 -4.61
C HIS A 111 5.81 14.57 -5.35
N ARG A 112 5.52 13.42 -4.79
CA ARG A 112 5.84 12.11 -5.38
C ARG A 112 5.01 11.94 -6.64
N SER A 113 3.72 12.21 -6.55
CA SER A 113 2.89 11.92 -7.74
C SER A 113 3.03 13.02 -8.80
N LEU A 114 3.42 14.24 -8.48
CA LEU A 114 3.74 15.22 -9.54
C LEU A 114 5.06 14.86 -10.23
N MET A 115 6.07 14.37 -9.53
CA MET A 115 7.33 13.94 -10.18
C MET A 115 7.06 12.71 -11.03
N ALA A 116 6.18 11.85 -10.57
CA ALA A 116 5.82 10.65 -11.34
C ALA A 116 5.08 11.02 -12.64
N CYS A 117 4.10 11.91 -12.58
CA CYS A 117 3.35 12.38 -13.78
C CYS A 117 4.35 13.05 -14.72
N CYS A 118 5.26 13.82 -14.16
CA CYS A 118 6.21 14.57 -14.99
C CYS A 118 7.15 13.58 -15.68
N LEU A 119 7.43 12.43 -15.08
CA LEU A 119 8.29 11.37 -15.66
C LEU A 119 7.54 10.63 -16.74
N GLU A 120 6.25 10.41 -16.57
CA GLU A 120 5.39 9.77 -17.60
C GLU A 120 5.16 10.71 -18.77
N ILE A 121 5.11 12.01 -18.52
CA ILE A 121 5.01 13.00 -19.62
C ILE A 121 6.28 12.83 -20.44
N VAL A 122 7.42 12.85 -19.78
CA VAL A 122 8.75 12.72 -20.46
C VAL A 122 8.85 11.38 -21.20
N LEU A 123 8.45 10.27 -20.57
CA LEU A 123 8.59 8.91 -21.15
C LEU A 123 7.68 8.75 -22.37
N PHE A 124 6.44 9.20 -22.29
CA PHE A 124 5.48 9.09 -23.42
C PHE A 124 5.87 9.98 -24.58
N ALA A 125 6.40 11.15 -24.30
CA ALA A 125 6.86 12.04 -25.36
C ALA A 125 7.96 11.35 -26.17
N TYR A 126 8.61 10.34 -25.61
CA TYR A 126 9.73 9.64 -26.26
C TYR A 126 9.30 8.24 -26.74
N SER A 127 8.01 7.92 -26.68
CA SER A 127 7.37 6.59 -26.92
C SER A 127 8.21 5.47 -26.30
N SER A 128 8.26 5.58 -24.98
CA SER A 128 9.00 4.63 -24.11
C SER A 128 8.36 3.26 -24.06
N PRO A 129 9.18 2.19 -24.11
CA PRO A 129 8.66 0.85 -23.90
C PRO A 129 8.02 0.68 -22.52
N ARG A 130 8.30 1.59 -21.58
CA ARG A 130 7.79 1.56 -20.19
C ARG A 130 6.41 2.22 -20.15
N THR A 131 5.37 1.44 -20.26
CA THR A 131 4.00 1.94 -20.34
C THR A 131 3.33 1.96 -18.97
N PHE A 132 2.49 2.98 -18.74
CA PHE A 132 1.75 3.09 -17.48
C PHE A 132 1.02 1.79 -17.23
N PRO A 133 1.25 1.12 -16.08
CA PRO A 133 1.58 1.78 -14.82
C PRO A 133 3.01 1.59 -14.27
N TRP A 134 4.02 1.58 -15.12
CA TRP A 134 5.41 1.27 -14.71
C TRP A 134 5.97 2.29 -13.72
N ILE A 135 5.90 3.60 -14.00
CA ILE A 135 6.46 4.67 -13.12
C ILE A 135 5.89 4.63 -11.70
N ILE A 136 4.58 4.51 -11.54
CA ILE A 136 3.94 4.49 -10.21
C ILE A 136 4.14 3.13 -9.53
N GLU A 137 4.42 2.08 -10.29
CA GLU A 137 4.69 0.72 -9.74
C GLU A 137 6.13 0.67 -9.24
N VAL A 138 7.03 1.32 -9.95
CA VAL A 138 8.44 1.28 -9.48
C VAL A 138 8.63 2.37 -8.44
N LEU A 139 7.72 3.32 -8.31
CA LEU A 139 7.87 4.42 -7.34
C LEU A 139 6.98 4.14 -6.13
N ASN A 140 6.33 3.00 -6.08
CA ASN A 140 5.52 2.54 -4.93
C ASN A 140 4.42 3.54 -4.68
N LEU A 141 3.83 4.05 -5.75
CA LEU A 141 2.77 5.08 -5.64
C LEU A 141 1.41 4.45 -5.96
N GLN A 142 0.46 4.63 -5.04
CA GLN A 142 -0.90 4.05 -5.17
C GLN A 142 -1.71 4.79 -6.21
N PRO A 143 -2.32 4.07 -7.16
CA PRO A 143 -3.20 4.69 -8.14
C PRO A 143 -4.27 5.62 -7.54
N PHE A 144 -4.84 5.28 -6.40
CA PHE A 144 -5.93 6.05 -5.76
C PHE A 144 -5.43 7.41 -5.24
N TYR A 145 -4.15 7.52 -4.99
CA TYR A 145 -3.58 8.80 -4.53
C TYR A 145 -2.97 9.57 -5.70
N PHE A 146 -2.47 8.88 -6.73
CA PHE A 146 -1.74 9.51 -7.87
C PHE A 146 -2.69 10.23 -8.84
N TYR A 147 -3.85 9.68 -9.16
CA TYR A 147 -4.73 10.25 -10.20
C TYR A 147 -5.11 11.70 -9.91
N LYS A 148 -5.06 12.14 -8.67
CA LYS A 148 -5.55 13.48 -8.32
C LYS A 148 -4.65 14.61 -8.90
N VAL A 149 -3.40 14.33 -9.27
CA VAL A 149 -2.44 15.32 -9.79
C VAL A 149 -2.62 15.48 -11.30
N ILE A 150 -3.38 14.60 -11.94
CA ILE A 150 -3.50 14.66 -13.43
C ILE A 150 -4.28 15.92 -13.79
N GLU A 151 -5.36 16.18 -13.09
CA GLU A 151 -6.16 17.40 -13.29
C GLU A 151 -5.29 18.61 -12.99
N VAL A 152 -4.43 18.52 -11.98
CA VAL A 152 -3.58 19.66 -11.53
C VAL A 152 -2.55 20.04 -12.61
N VAL A 153 -1.94 19.07 -13.29
CA VAL A 153 -0.92 19.24 -14.36
C VAL A 153 -1.55 19.78 -15.62
N ILE A 154 -2.74 19.29 -15.94
CA ILE A 154 -3.47 19.73 -17.17
C ILE A 154 -3.92 21.17 -16.99
N ARG A 155 -4.25 21.56 -15.76
CA ARG A 155 -4.64 22.95 -15.44
C ARG A 155 -3.42 23.87 -15.30
N SER A 156 -2.26 23.33 -14.95
CA SER A 156 -1.09 24.17 -14.60
C SER A 156 0.01 24.15 -15.66
N GLU A 157 -0.20 23.49 -16.80
CA GLU A 157 0.75 23.75 -17.91
C GLU A 157 -0.03 23.68 -19.22
N GLU A 158 -0.25 24.92 -19.67
CA GLU A 158 -1.00 25.17 -20.92
C GLU A 158 -0.12 24.90 -22.14
N GLY A 159 1.16 24.66 -21.92
CA GLY A 159 2.07 24.30 -23.02
C GLY A 159 2.00 22.82 -23.31
N LEU A 160 1.29 22.08 -22.48
CA LEU A 160 1.12 20.64 -22.73
C LEU A 160 0.39 20.45 -24.05
N SER A 161 0.92 19.59 -24.91
CA SER A 161 0.30 19.30 -26.22
C SER A 161 -1.05 18.61 -26.04
N ARG A 162 -1.85 18.61 -27.09
CA ARG A 162 -3.19 17.96 -27.03
C ARG A 162 -3.00 16.46 -26.94
N ASP A 163 -1.89 15.95 -27.47
CA ASP A 163 -1.63 14.51 -27.36
C ASP A 163 -1.20 14.20 -25.95
N MET A 164 -0.46 15.08 -25.29
CA MET A 164 0.02 14.83 -23.92
C MET A 164 -1.16 14.85 -22.95
N VAL A 165 -2.16 15.68 -23.20
CA VAL A 165 -3.40 15.80 -22.40
C VAL A 165 -4.26 14.57 -22.67
N LYS A 166 -4.33 14.19 -23.93
CA LYS A 166 -5.12 12.99 -24.31
C LYS A 166 -4.57 11.78 -23.59
N HIS A 167 -3.25 11.73 -23.45
CA HIS A 167 -2.63 10.59 -22.78
C HIS A 167 -2.86 10.66 -21.27
N LEU A 168 -2.76 11.86 -20.70
CA LEU A 168 -2.95 12.01 -19.26
C LEU A 168 -4.38 11.70 -18.85
N ASN A 169 -5.34 12.05 -19.69
CA ASN A 169 -6.74 11.71 -19.39
C ASN A 169 -6.99 10.23 -19.58
N SER A 170 -6.19 9.56 -20.41
CA SER A 170 -6.14 8.14 -20.70
C SER A 170 -5.78 7.31 -19.47
N ILE A 171 -4.68 7.74 -18.86
CA ILE A 171 -4.18 7.02 -17.72
C ILE A 171 -5.02 7.33 -16.49
N GLU A 172 -5.65 8.50 -16.43
CA GLU A 172 -6.57 8.79 -15.34
C GLU A 172 -7.80 7.91 -15.43
N GLU A 173 -8.24 7.62 -16.66
CA GLU A 173 -9.37 6.72 -16.76
C GLU A 173 -8.94 5.28 -16.53
N GLN A 174 -7.70 4.91 -16.83
CA GLN A 174 -7.21 3.58 -16.47
C GLN A 174 -7.29 3.35 -14.96
N ILE A 175 -7.00 4.39 -14.18
CA ILE A 175 -7.05 4.28 -12.73
C ILE A 175 -8.50 4.16 -12.27
N LEU A 176 -9.37 5.02 -12.80
CA LEU A 176 -10.80 5.03 -12.38
C LEU A 176 -11.51 3.79 -12.94
N GLU A 177 -10.83 3.03 -13.82
CA GLU A 177 -11.44 1.83 -14.43
C GLU A 177 -11.13 0.61 -13.60
N SER A 178 -9.85 0.41 -13.26
CA SER A 178 -9.49 -0.86 -12.59
C SER A 178 -8.21 -0.81 -11.75
N LEU A 179 -7.33 0.18 -11.94
CA LEU A 179 -6.06 0.04 -11.20
C LEU A 179 -6.41 0.56 -9.79
N ALA A 180 -7.40 1.41 -9.59
CA ALA A 180 -7.76 1.81 -8.23
C ALA A 180 -8.72 0.85 -7.57
N TRP A 181 -9.16 -0.20 -8.26
CA TRP A 181 -10.08 -1.18 -7.70
C TRP A 181 -9.41 -2.50 -7.38
N SER A 182 -8.09 -2.60 -7.52
CA SER A 182 -7.41 -3.84 -7.17
C SER A 182 -7.51 -4.10 -5.68
N HIS A 183 -7.30 -5.36 -5.29
CA HIS A 183 -7.52 -5.75 -3.91
C HIS A 183 -6.57 -5.05 -2.95
N ASP A 184 -5.39 -4.67 -3.42
CA ASP A 184 -4.41 -4.00 -2.57
C ASP A 184 -4.43 -2.49 -2.73
N SER A 185 -5.50 -1.94 -3.31
CA SER A 185 -5.66 -0.51 -3.49
C SER A 185 -5.98 0.17 -2.16
N ALA A 186 -5.54 1.42 -2.02
CA ALA A 186 -5.87 2.21 -0.85
C ALA A 186 -7.32 2.66 -0.82
N LEU A 187 -8.06 2.44 -1.90
CA LEU A 187 -9.49 2.75 -1.91
C LEU A 187 -10.22 1.96 -0.85
N TRP A 188 -9.84 0.69 -0.66
CA TRP A 188 -10.54 -0.15 0.30
C TRP A 188 -10.24 0.29 1.73
N GLU A 189 -9.10 0.94 1.95
CA GLU A 189 -8.81 1.62 3.20
C GLU A 189 -9.76 2.77 3.43
N ALA A 190 -9.91 3.60 2.39
CA ALA A 190 -10.78 4.76 2.48
C ALA A 190 -12.22 4.35 2.76
N LEU A 191 -12.68 3.26 2.13
CA LEU A 191 -13.99 2.71 2.42
C LEU A 191 -14.10 2.30 3.89
N GLN A 192 -13.03 1.70 4.40
CA GLN A 192 -13.06 1.10 5.73
C GLN A 192 -13.26 2.14 6.82
N VAL A 193 -12.58 3.28 6.71
CA VAL A 193 -12.68 4.29 7.76
C VAL A 193 -14.00 5.03 7.73
N SER A 194 -14.79 4.86 6.67
CA SER A 194 -16.11 5.46 6.52
C SER A 194 -17.21 4.43 6.70
N ALA A 195 -16.95 3.38 7.47
CA ALA A 195 -17.93 2.33 7.76
C ALA A 195 -18.41 1.62 6.51
N ASN A 196 -17.54 1.55 5.50
CA ASN A 196 -17.86 0.95 4.20
C ASN A 196 -19.09 1.58 3.55
N LYS A 197 -19.34 2.85 3.85
CA LYS A 197 -20.47 3.36 3.09
C LYS A 197 -19.95 4.17 1.93
N VAL A 198 -20.41 3.61 0.81
CA VAL A 198 -20.04 4.10 -0.51
C VAL A 198 -20.90 5.33 -0.84
N PRO A 199 -20.32 6.40 -1.35
CA PRO A 199 -21.14 7.56 -1.72
C PRO A 199 -22.03 7.27 -2.92
N THR A 200 -23.27 7.72 -2.83
CA THR A 200 -24.17 7.62 -3.96
C THR A 200 -23.93 8.78 -4.92
N CYS A 201 -24.39 8.68 -6.16
CA CYS A 201 -24.17 9.73 -7.19
C CYS A 201 -24.66 11.08 -6.70
N GLU A 202 -25.87 11.15 -6.18
CA GLU A 202 -26.45 12.43 -5.68
C GLU A 202 -25.64 13.07 -4.55
N GLU A 203 -24.92 12.27 -3.79
CA GLU A 203 -24.11 12.79 -2.67
C GLU A 203 -22.83 13.50 -3.16
N VAL A 204 -22.36 13.15 -4.34
CA VAL A 204 -21.05 13.69 -4.80
C VAL A 204 -21.25 14.67 -5.96
N ILE A 205 -22.22 14.41 -6.85
CA ILE A 205 -22.39 15.26 -8.05
C ILE A 205 -23.07 16.56 -7.64
N PHE A 206 -24.33 16.49 -7.24
CA PHE A 206 -25.01 17.69 -6.73
C PHE A 206 -24.26 18.21 -5.50
N THR A 220 -12.17 17.42 -1.23
CA THR A 220 -13.29 17.44 -0.24
C THR A 220 -13.90 16.05 -0.26
N GLY A 221 -13.08 15.20 0.35
CA GLY A 221 -13.41 13.78 0.41
C GLY A 221 -12.55 13.07 -0.59
N SER A 222 -11.55 12.33 -0.15
CA SER A 222 -10.76 11.44 -1.02
C SER A 222 -11.75 10.53 -1.76
N LEU A 223 -12.64 9.92 -0.99
CA LEU A 223 -13.67 9.03 -1.54
C LEU A 223 -14.67 9.86 -2.34
N ALA A 224 -15.01 11.07 -1.90
CA ALA A 224 -15.99 11.85 -2.66
C ALA A 224 -15.45 12.23 -4.02
N LEU A 225 -14.20 12.69 -4.08
CA LEU A 225 -13.78 13.06 -5.43
C LEU A 225 -13.36 11.86 -6.26
N PHE A 226 -13.09 10.69 -5.66
CA PHE A 226 -12.91 9.48 -6.46
C PHE A 226 -14.22 9.04 -7.10
N TYR A 227 -15.27 8.89 -6.29
CA TYR A 227 -16.54 8.40 -6.82
C TYR A 227 -17.21 9.44 -7.70
N ARG A 228 -16.90 10.72 -7.50
CA ARG A 228 -17.49 11.64 -8.46
C ARG A 228 -16.80 11.54 -9.81
N LYS A 229 -15.51 11.18 -9.90
CA LYS A 229 -14.92 10.96 -11.21
C LYS A 229 -15.38 9.63 -11.80
N VAL A 230 -15.56 8.61 -10.97
CA VAL A 230 -16.01 7.29 -11.38
C VAL A 230 -17.41 7.37 -11.97
N TYR A 231 -18.29 8.06 -11.25
CA TYR A 231 -19.67 8.22 -11.70
C TYR A 231 -19.72 9.02 -13.00
N HIS A 232 -18.94 10.10 -13.08
CA HIS A 232 -18.92 10.90 -14.29
C HIS A 232 -18.44 10.08 -15.49
N LEU A 233 -17.37 9.32 -15.30
CA LEU A 233 -16.83 8.49 -16.36
C LEU A 233 -17.86 7.45 -16.80
N ALA A 234 -18.50 6.80 -15.84
CA ALA A 234 -19.46 5.75 -16.17
C ALA A 234 -20.72 6.32 -16.82
N SER A 235 -21.07 7.57 -16.50
CA SER A 235 -22.23 8.18 -17.12
C SER A 235 -21.95 8.54 -18.57
N VAL A 236 -20.68 8.86 -18.88
CA VAL A 236 -20.30 9.16 -20.26
C VAL A 236 -20.33 7.89 -21.10
N ARG A 237 -19.78 6.80 -20.57
CA ARG A 237 -19.75 5.55 -21.30
C ARG A 237 -21.13 4.91 -21.42
N LEU A 238 -22.07 5.35 -20.58
CA LEU A 238 -23.43 4.83 -20.67
C LEU A 238 -24.27 5.62 -21.66
N ARG A 239 -24.07 6.94 -21.71
CA ARG A 239 -24.78 7.80 -22.69
C ARG A 239 -24.39 7.37 -24.10
N ASP A 240 -23.19 6.86 -24.30
CA ASP A 240 -22.82 6.35 -25.66
C ASP A 240 -23.52 5.02 -25.92
N LEU A 241 -23.43 4.10 -24.97
CA LEU A 241 -24.02 2.77 -25.20
C LEU A 241 -25.52 2.91 -25.46
N CYS A 242 -26.19 3.81 -24.74
CA CYS A 242 -27.66 3.93 -24.87
C CYS A 242 -28.07 4.68 -26.14
N LEU A 243 -27.14 5.35 -26.81
CA LEU A 243 -27.42 6.04 -28.09
C LEU A 243 -27.27 5.06 -29.22
N LYS A 244 -26.25 4.22 -29.18
CA LYS A 244 -25.95 3.29 -30.29
C LYS A 244 -26.79 2.01 -30.17
N LEU A 245 -27.65 1.90 -29.17
CA LEU A 245 -28.59 0.75 -29.06
C LEU A 245 -30.00 1.33 -28.98
N ASP A 246 -30.17 2.63 -29.25
CA ASP A 246 -31.51 3.31 -29.22
C ASP A 246 -32.44 2.99 -28.07
N VAL A 247 -31.89 2.84 -26.88
CA VAL A 247 -32.81 2.60 -25.76
C VAL A 247 -33.48 3.82 -25.12
N SER A 248 -34.53 3.59 -24.36
CA SER A 248 -35.30 4.70 -23.79
C SER A 248 -34.50 5.41 -22.71
N ASN A 249 -34.75 6.70 -22.59
CA ASN A 249 -34.00 7.50 -21.59
C ASN A 249 -34.38 7.02 -20.19
N GLU A 250 -35.57 6.43 -20.03
CA GLU A 250 -35.93 5.92 -18.71
C GLU A 250 -35.30 4.54 -18.47
N LEU A 251 -34.95 3.78 -19.51
CA LEU A 251 -34.16 2.53 -19.28
C LEU A 251 -32.75 2.96 -18.90
N ARG A 252 -32.22 3.98 -19.55
CA ARG A 252 -30.89 4.53 -19.18
C ARG A 252 -30.95 4.90 -17.70
N ARG A 253 -32.04 5.50 -17.23
CA ARG A 253 -32.20 5.94 -15.82
C ARG A 253 -32.22 4.72 -14.89
N LYS A 254 -32.79 3.63 -15.37
CA LYS A 254 -32.93 2.36 -14.64
C LYS A 254 -31.62 1.57 -14.66
N ILE A 255 -30.98 1.42 -15.81
CA ILE A 255 -29.68 0.76 -15.86
C ILE A 255 -28.71 1.49 -14.93
N TRP A 256 -28.73 2.82 -14.99
CA TRP A 256 -27.82 3.62 -14.17
C TRP A 256 -28.11 3.42 -12.69
N THR A 257 -29.37 3.17 -12.35
CA THR A 257 -29.71 2.93 -10.95
C THR A 257 -29.21 1.56 -10.50
N CYS A 258 -29.12 0.61 -11.43
CA CYS A 258 -28.59 -0.70 -11.05
C CYS A 258 -27.06 -0.67 -11.01
N PHE A 259 -26.44 0.19 -11.83
CA PHE A 259 -24.99 0.36 -11.75
C PHE A 259 -24.61 1.03 -10.43
N GLU A 260 -25.44 1.95 -9.95
CA GLU A 260 -25.22 2.55 -8.65
C GLU A 260 -25.41 1.53 -7.53
N PHE A 261 -26.43 0.68 -7.66
CA PHE A 261 -26.69 -0.36 -6.67
C PHE A 261 -25.48 -1.29 -6.54
N THR A 262 -24.83 -1.63 -7.65
CA THR A 262 -23.72 -2.56 -7.59
C THR A 262 -22.44 -1.89 -7.08
N LEU A 263 -22.39 -0.56 -7.07
CA LEU A 263 -21.26 0.15 -6.51
C LEU A 263 -21.41 0.37 -5.01
N VAL A 264 -22.64 0.67 -4.60
CA VAL A 264 -22.91 1.03 -3.21
C VAL A 264 -23.22 -0.19 -2.36
N HIS A 265 -24.09 -1.07 -2.84
CA HIS A 265 -24.50 -2.25 -2.09
C HIS A 265 -23.73 -3.50 -2.46
N CYS A 266 -23.04 -3.54 -3.59
CA CYS A 266 -22.18 -4.69 -3.87
C CYS A 266 -20.80 -4.24 -4.32
N PRO A 267 -20.15 -3.44 -3.46
CA PRO A 267 -18.88 -2.83 -3.87
C PRO A 267 -17.76 -3.84 -4.05
N ASP A 268 -17.87 -5.01 -3.44
CA ASP A 268 -16.83 -6.04 -3.59
C ASP A 268 -16.79 -6.60 -5.00
N LEU A 269 -17.84 -6.38 -5.79
CA LEU A 269 -17.85 -6.88 -7.16
C LEU A 269 -16.79 -6.21 -8.03
N MET A 270 -16.32 -5.04 -7.64
CA MET A 270 -15.32 -4.32 -8.42
C MET A 270 -13.89 -4.69 -8.05
N LYS A 271 -13.69 -5.52 -7.02
CA LYS A 271 -12.35 -5.83 -6.57
C LYS A 271 -11.63 -6.67 -7.61
N ASP A 272 -10.52 -6.15 -8.12
CA ASP A 272 -9.70 -6.80 -9.14
C ASP A 272 -10.46 -6.98 -10.46
N ARG A 273 -11.41 -6.11 -10.73
CA ARG A 273 -12.20 -6.16 -11.95
C ARG A 273 -12.17 -4.81 -12.66
N HIS A 274 -12.93 -4.74 -13.76
CA HIS A 274 -12.98 -3.57 -14.63
C HIS A 274 -14.33 -2.89 -14.45
N LEU A 275 -14.37 -1.58 -14.72
CA LEU A 275 -15.63 -0.90 -14.40
C LEU A 275 -16.69 -1.13 -15.48
N ASP A 276 -16.32 -1.33 -16.74
CA ASP A 276 -17.32 -1.60 -17.77
C ASP A 276 -17.89 -3.00 -17.66
N GLN A 277 -17.20 -3.90 -16.96
CA GLN A 277 -17.74 -5.22 -16.72
C GLN A 277 -18.99 -5.15 -15.85
N LEU A 278 -19.03 -4.21 -14.92
CA LEU A 278 -20.24 -4.10 -14.10
C LEU A 278 -21.26 -3.15 -14.72
N LEU A 279 -20.86 -2.35 -15.69
CA LEU A 279 -21.81 -1.48 -16.39
C LEU A 279 -22.52 -2.23 -17.51
N LEU A 280 -21.85 -3.15 -18.17
CA LEU A 280 -22.48 -3.96 -19.21
C LEU A 280 -23.43 -4.98 -18.60
N CYS A 281 -23.07 -5.53 -17.45
CA CYS A 281 -24.00 -6.45 -16.80
C CYS A 281 -25.19 -5.69 -16.24
N ALA A 282 -25.01 -4.46 -15.77
CA ALA A 282 -26.13 -3.63 -15.37
C ALA A 282 -27.02 -3.31 -16.56
N PHE A 283 -26.42 -3.25 -17.75
CA PHE A 283 -27.17 -2.94 -18.96
C PHE A 283 -28.06 -4.11 -19.35
N TYR A 284 -27.50 -5.32 -19.37
CA TYR A 284 -28.24 -6.49 -19.83
C TYR A 284 -29.35 -6.88 -18.86
N ILE A 285 -29.10 -6.73 -17.56
CA ILE A 285 -30.05 -7.24 -16.58
C ILE A 285 -31.26 -6.34 -16.47
N MET A 286 -31.12 -5.04 -16.72
CA MET A 286 -32.26 -4.13 -16.66
C MET A 286 -32.98 -4.04 -17.99
N ALA A 287 -32.26 -4.27 -19.10
CA ALA A 287 -32.91 -4.36 -20.39
C ALA A 287 -33.71 -5.65 -20.44
N LYS A 288 -33.24 -6.68 -19.74
CA LYS A 288 -33.98 -7.94 -19.80
C LYS A 288 -35.18 -7.92 -18.87
N VAL A 289 -35.10 -7.29 -17.70
CA VAL A 289 -36.22 -7.14 -16.78
C VAL A 289 -37.33 -6.28 -17.35
N THR A 290 -36.96 -5.40 -18.26
CA THR A 290 -38.04 -4.65 -18.88
C THR A 290 -38.28 -5.17 -20.30
N LYS A 291 -39.19 -4.51 -21.01
CA LYS A 291 -39.59 -4.94 -22.34
C LYS A 291 -38.62 -4.47 -23.42
N GLU A 292 -37.45 -3.99 -23.03
CA GLU A 292 -36.45 -3.56 -24.02
C GLU A 292 -35.23 -4.44 -23.99
N GLU A 293 -35.44 -5.71 -24.28
CA GLU A 293 -34.32 -6.68 -24.24
C GLU A 293 -33.29 -6.44 -25.32
N ARG A 294 -32.04 -6.21 -24.95
CA ARG A 294 -30.93 -6.13 -25.91
C ARG A 294 -29.95 -7.20 -25.45
N THR A 295 -29.46 -8.02 -26.36
CA THR A 295 -28.58 -9.14 -25.97
C THR A 295 -27.15 -8.70 -25.71
N PHE A 296 -26.39 -9.49 -24.98
CA PHE A 296 -24.96 -9.17 -24.76
C PHE A 296 -24.29 -9.05 -26.14
N GLN A 297 -24.82 -9.75 -27.13
CA GLN A 297 -24.27 -9.70 -28.50
C GLN A 297 -24.50 -8.32 -29.09
N GLU A 298 -25.74 -7.86 -29.10
CA GLU A 298 -26.04 -6.49 -29.56
C GLU A 298 -25.21 -5.50 -28.76
N ILE A 299 -25.04 -5.72 -27.46
CA ILE A 299 -24.29 -4.80 -26.57
C ILE A 299 -22.81 -4.75 -26.93
N MET A 300 -22.12 -5.87 -27.01
CA MET A 300 -20.66 -5.79 -27.26
C MET A 300 -20.37 -5.29 -28.67
N LYS A 301 -21.35 -5.33 -29.57
CA LYS A 301 -21.12 -4.78 -30.92
C LYS A 301 -21.01 -3.26 -30.83
N SER A 302 -21.77 -2.61 -29.96
CA SER A 302 -21.70 -1.15 -29.79
C SER A 302 -20.59 -0.77 -28.82
N TYR A 303 -20.31 -1.62 -27.81
CA TYR A 303 -19.27 -1.35 -26.80
C TYR A 303 -17.90 -1.41 -27.44
N ARG A 304 -17.73 -2.27 -28.43
CA ARG A 304 -16.46 -2.50 -29.17
C ARG A 304 -15.86 -1.20 -29.67
N ASN A 305 -16.74 -0.31 -30.11
CA ASN A 305 -16.33 0.93 -30.80
C ASN A 305 -15.88 1.99 -29.79
N GLN A 306 -16.02 1.73 -28.49
CA GLN A 306 -15.59 2.68 -27.44
C GLN A 306 -14.09 2.52 -27.24
N PRO A 307 -13.34 3.63 -27.09
CA PRO A 307 -11.87 3.56 -27.07
C PRO A 307 -11.18 2.68 -26.02
N GLN A 308 -11.81 2.49 -24.86
CA GLN A 308 -11.21 1.72 -23.73
C GLN A 308 -11.50 0.24 -23.89
N ALA A 309 -12.34 -0.07 -24.87
CA ALA A 309 -12.80 -1.44 -25.04
C ALA A 309 -11.74 -2.28 -25.71
N ASN A 310 -11.15 -3.14 -24.92
CA ASN A 310 -10.28 -4.14 -25.55
C ASN A 310 -11.11 -5.42 -25.39
N SER A 311 -10.74 -6.50 -26.04
CA SER A 311 -11.62 -7.69 -25.96
C SER A 311 -11.56 -8.30 -24.56
N HIS A 312 -10.43 -8.18 -23.88
CA HIS A 312 -10.24 -8.82 -22.55
C HIS A 312 -11.23 -8.35 -21.51
N VAL A 313 -11.97 -7.28 -21.80
CA VAL A 313 -12.97 -6.77 -20.86
C VAL A 313 -14.16 -7.69 -20.81
N TYR A 314 -14.61 -8.22 -21.94
CA TYR A 314 -15.74 -9.13 -21.98
C TYR A 314 -15.35 -10.57 -22.26
N ARG A 315 -14.05 -10.86 -22.33
CA ARG A 315 -13.63 -12.22 -22.70
C ARG A 315 -12.68 -12.78 -21.62
N SER A 316 -12.20 -11.95 -20.71
CA SER A 316 -11.35 -12.41 -19.57
C SER A 316 -11.82 -11.70 -18.31
N VAL A 317 -12.97 -12.10 -17.77
CA VAL A 317 -13.52 -11.49 -16.54
C VAL A 317 -13.15 -12.37 -15.35
N LEU A 318 -12.72 -11.75 -14.25
CA LEU A 318 -12.43 -12.57 -13.05
C LEU A 318 -13.72 -13.17 -12.49
N LEU A 319 -13.71 -14.49 -12.32
CA LEU A 319 -14.90 -15.09 -11.68
C LEU A 319 -14.55 -15.39 -10.22
N LYS A 320 -13.65 -16.30 -9.88
CA LYS A 320 -13.25 -16.46 -8.46
C LYS A 320 -11.73 -16.61 -8.34
N SER A 321 -11.22 -16.50 -7.13
CA SER A 321 -9.74 -16.52 -6.94
C SER A 321 -9.40 -17.12 -5.58
N GLU A 324 -6.68 -18.77 -8.74
CA GLU A 324 -7.51 -17.86 -9.56
C GLU A 324 -8.24 -18.67 -10.64
N GLU A 325 -9.26 -18.08 -11.28
CA GLU A 325 -9.94 -18.72 -12.43
C GLU A 325 -10.76 -17.64 -13.15
N ARG A 326 -10.44 -17.46 -14.43
CA ARG A 326 -11.03 -16.38 -15.22
C ARG A 326 -11.90 -16.96 -16.33
N GLY A 327 -13.01 -16.27 -16.59
CA GLY A 327 -13.95 -16.68 -17.62
C GLY A 327 -14.25 -15.58 -18.61
N ASP A 328 -15.52 -15.42 -18.98
CA ASP A 328 -15.92 -14.31 -19.84
C ASP A 328 -17.16 -13.66 -19.26
N LEU A 329 -17.65 -12.63 -19.97
CA LEU A 329 -18.64 -11.74 -19.38
C LEU A 329 -19.97 -12.46 -19.16
N ILE A 330 -20.35 -13.36 -20.07
CA ILE A 330 -21.57 -14.11 -19.88
C ILE A 330 -21.46 -15.03 -18.68
N LYS A 331 -20.31 -15.69 -18.52
CA LYS A 331 -20.25 -16.61 -17.39
C LYS A 331 -20.11 -15.85 -16.08
N PHE A 332 -19.52 -14.66 -16.07
CA PHE A 332 -19.52 -13.85 -14.85
C PHE A 332 -20.92 -13.35 -14.52
N TYR A 333 -21.71 -13.07 -15.55
CA TYR A 333 -23.09 -12.64 -15.31
C TYR A 333 -23.90 -13.77 -14.68
N ASN A 334 -23.69 -15.00 -15.15
CA ASN A 334 -24.54 -16.12 -14.76
C ASN A 334 -24.10 -16.74 -13.44
N THR A 335 -22.81 -16.69 -13.13
CA THR A 335 -22.32 -17.37 -11.94
C THR A 335 -22.21 -16.44 -10.74
N ILE A 336 -21.98 -15.15 -10.95
CA ILE A 336 -21.69 -14.21 -9.88
C ILE A 336 -22.70 -13.07 -9.86
N TYR A 337 -22.96 -12.46 -11.02
CA TYR A 337 -23.70 -11.19 -11.03
C TYR A 337 -25.18 -11.39 -10.76
N VAL A 338 -25.80 -12.39 -11.40
CA VAL A 338 -27.24 -12.35 -11.21
C VAL A 338 -27.61 -12.74 -9.79
N GLY A 339 -26.84 -13.56 -9.07
CA GLY A 339 -27.22 -13.91 -7.71
C GLY A 339 -27.27 -12.71 -6.78
N ARG A 340 -26.37 -11.75 -6.95
CA ARG A 340 -26.24 -10.61 -6.06
C ARG A 340 -27.01 -9.38 -6.53
N VAL A 341 -27.61 -9.42 -7.72
CA VAL A 341 -28.28 -8.23 -8.21
C VAL A 341 -29.69 -8.56 -8.70
N LYS A 342 -30.12 -9.81 -8.69
CA LYS A 342 -31.52 -10.07 -9.17
C LYS A 342 -32.56 -9.38 -8.29
N SER A 343 -32.43 -9.46 -6.98
CA SER A 343 -33.36 -8.82 -6.03
C SER A 343 -33.73 -7.43 -6.54
N PHE A 344 -32.73 -6.58 -6.69
CA PHE A 344 -32.95 -5.20 -7.15
C PHE A 344 -33.57 -5.17 -8.54
N ALA A 345 -33.05 -5.98 -9.46
CA ALA A 345 -33.57 -5.86 -10.81
C ALA A 345 -35.00 -6.36 -10.92
N LEU A 346 -35.34 -7.39 -10.14
CA LEU A 346 -36.68 -7.95 -10.26
C LEU A 346 -37.75 -7.01 -9.73
N LYS A 347 -37.38 -5.87 -9.14
CA LYS A 347 -38.34 -4.87 -8.71
C LYS A 347 -38.93 -4.09 -9.88
N TYR A 348 -38.55 -4.41 -11.12
CA TYR A 348 -39.01 -3.69 -12.29
C TYR A 348 -39.48 -4.63 -13.39
N ASP A 349 -40.04 -5.78 -13.03
CA ASP A 349 -40.55 -6.89 -13.83
C ASP A 349 -41.95 -6.58 -14.36
N PRO A 361 -36.95 3.35 -6.44
CA PRO A 361 -36.72 4.75 -6.85
C PRO A 361 -35.44 4.90 -7.66
N LEU A 362 -35.53 5.55 -8.82
CA LEU A 362 -34.43 5.74 -9.75
C LEU A 362 -33.53 6.88 -9.31
N SER A 363 -32.27 6.78 -9.67
CA SER A 363 -31.22 7.71 -9.32
C SER A 363 -31.06 8.79 -10.38
N PRO A 364 -30.56 9.98 -10.03
CA PRO A 364 -30.38 11.03 -11.04
C PRO A 364 -29.23 10.70 -11.98
N PHE A 365 -29.42 10.91 -13.29
CA PHE A 365 -28.32 10.72 -14.29
C PHE A 365 -27.77 12.08 -14.69
N PRO A 366 -26.47 12.35 -14.49
CA PRO A 366 -25.90 13.67 -14.76
C PRO A 366 -25.24 13.95 -16.12
N HIS A 367 -24.72 15.16 -16.32
CA HIS A 367 -23.93 15.43 -17.56
C HIS A 367 -22.55 15.99 -17.20
N LEU B 5 -33.33 -14.39 -14.37
CA LEU B 5 -32.82 -13.43 -15.37
C LEU B 5 -31.51 -13.99 -15.90
N VAL B 6 -31.53 -15.24 -16.36
CA VAL B 6 -30.32 -15.95 -16.86
C VAL B 6 -30.06 -15.60 -18.33
N CYS B 7 -28.81 -15.43 -18.70
CA CYS B 7 -28.49 -15.25 -20.14
C CYS B 7 -28.34 -16.64 -20.72
N HIS B 8 -28.98 -16.88 -21.86
CA HIS B 8 -28.95 -18.22 -22.45
C HIS B 8 -27.99 -18.22 -23.62
N GLU B 9 -27.28 -17.11 -23.83
CA GLU B 9 -26.25 -17.10 -24.89
C GLU B 9 -25.07 -17.96 -24.45
N VAL B 10 -24.39 -18.57 -25.42
CA VAL B 10 -23.28 -19.53 -25.23
C VAL B 10 -21.96 -18.77 -25.20
N ASP B 11 -21.79 -17.96 -26.24
CA ASP B 11 -20.48 -17.30 -26.47
C ASP B 11 -20.68 -15.84 -26.88
N LEU B 12 -19.61 -15.05 -26.84
CA LEU B 12 -19.73 -13.68 -27.37
C LEU B 12 -18.75 -13.47 -28.53
N ASP B 13 -18.60 -14.51 -29.35
CA ASP B 13 -17.74 -14.54 -30.56
C ASP B 13 -18.30 -13.76 -31.73
N ASP B 14 -19.60 -13.87 -31.89
CA ASP B 14 -20.27 -13.36 -33.11
C ASP B 14 -20.43 -11.85 -32.96
N LEU B 15 -19.47 -11.08 -33.47
CA LEU B 15 -19.27 -9.62 -33.22
C LEU B 15 -19.94 -9.22 -31.90
N GLU C 2 -13.03 -25.15 32.61
CA GLU C 2 -13.46 -25.71 31.31
C GLU C 2 -12.89 -24.86 30.19
N PHE C 3 -12.58 -23.62 30.52
CA PHE C 3 -12.06 -22.68 29.50
C PHE C 3 -10.55 -22.70 29.55
N THR C 4 -9.96 -22.60 28.38
CA THR C 4 -8.51 -22.57 28.23
C THR C 4 -7.93 -21.39 29.01
N GLN C 5 -6.64 -21.48 29.33
CA GLN C 5 -5.99 -20.46 30.14
C GLN C 5 -6.05 -19.10 29.47
N SER C 6 -5.92 -19.06 28.14
CA SER C 6 -5.92 -17.71 27.61
C SER C 6 -7.32 -17.26 27.22
N VAL C 7 -8.28 -18.15 26.96
CA VAL C 7 -9.66 -17.73 26.85
C VAL C 7 -10.20 -17.31 28.22
N SER C 8 -9.67 -17.90 29.29
CA SER C 8 -10.10 -17.46 30.61
C SER C 8 -9.49 -16.09 30.95
N ARG C 9 -8.23 -15.86 30.58
CA ARG C 9 -7.63 -14.54 30.83
C ARG C 9 -8.29 -13.46 29.99
N LEU C 10 -8.70 -13.80 28.76
CA LEU C 10 -9.40 -12.84 27.92
C LEU C 10 -10.72 -12.41 28.57
N GLN C 11 -11.38 -13.34 29.25
CA GLN C 11 -12.71 -13.07 29.80
C GLN C 11 -12.62 -12.23 31.07
N SER C 12 -11.50 -12.31 31.78
CA SER C 12 -11.19 -11.49 32.95
C SER C 12 -11.10 -10.02 32.56
N ILE C 13 -10.35 -9.79 31.50
CA ILE C 13 -10.03 -8.42 31.10
C ILE C 13 -11.30 -7.70 30.64
N VAL C 14 -12.14 -8.34 29.85
CA VAL C 14 -13.27 -7.56 29.31
C VAL C 14 -14.34 -8.26 30.14
N ALA C 15 -14.47 -7.70 31.34
CA ALA C 15 -15.40 -8.22 32.35
C ALA C 15 -16.02 -6.91 32.81
N GLY C 16 -17.33 -6.78 32.70
CA GLY C 16 -18.04 -5.58 33.16
C GLY C 16 -17.93 -4.43 32.21
N LEU C 17 -17.39 -4.68 31.04
CA LEU C 17 -17.14 -3.58 30.10
C LEU C 17 -17.97 -3.83 28.85
N LYS C 18 -18.13 -2.81 28.03
CA LYS C 18 -19.02 -2.93 26.86
C LYS C 18 -18.27 -2.62 25.58
N ASN C 19 -18.91 -2.96 24.49
CA ASN C 19 -18.30 -2.73 23.17
C ASN C 19 -18.54 -1.29 22.71
N ALA C 20 -18.38 -0.37 23.64
CA ALA C 20 -18.66 1.03 23.36
C ALA C 20 -17.75 1.87 24.25
N PRO C 21 -17.51 3.15 23.94
CA PRO C 21 -16.72 4.02 24.79
C PRO C 21 -17.26 4.13 26.22
N SER C 22 -16.38 4.36 27.20
CA SER C 22 -16.77 4.61 28.60
C SER C 22 -17.15 6.07 28.77
N ASP C 23 -17.92 6.41 29.80
CA ASP C 23 -18.29 7.79 30.21
C ASP C 23 -17.00 8.61 30.26
N GLN C 24 -15.95 7.96 30.72
CA GLN C 24 -14.65 8.61 30.93
C GLN C 24 -13.96 8.89 29.59
N LEU C 25 -14.02 7.96 28.64
CA LEU C 25 -13.44 8.17 27.29
C LEU C 25 -14.32 9.15 26.52
N ILE C 26 -15.61 9.21 26.84
CA ILE C 26 -16.57 10.16 26.19
C ILE C 26 -16.28 11.56 26.71
N ASN C 27 -15.93 11.68 27.98
CA ASN C 27 -15.55 13.00 28.55
C ASN C 27 -14.20 13.43 27.97
N ILE C 28 -13.37 12.48 27.53
CA ILE C 28 -12.12 12.83 26.87
C ILE C 28 -12.37 13.12 25.38
N PHE C 29 -13.24 12.33 24.76
CA PHE C 29 -13.66 12.64 23.39
C PHE C 29 -14.34 13.99 23.30
N GLU C 30 -15.00 14.43 24.37
CA GLU C 30 -15.74 15.68 24.36
C GLU C 30 -14.86 16.88 24.70
N SER C 31 -13.78 16.67 25.45
CA SER C 31 -12.82 17.73 25.70
C SER C 31 -12.07 18.13 24.44
N CYS C 32 -12.12 17.30 23.42
CA CYS C 32 -11.33 17.63 22.20
C CYS C 32 -12.15 18.54 21.26
N VAL C 33 -11.48 19.53 20.66
CA VAL C 33 -12.11 20.55 19.76
C VAL C 33 -12.83 19.80 18.65
N ARG C 34 -12.17 18.77 18.13
CA ARG C 34 -12.82 17.87 17.15
C ARG C 34 -13.08 16.54 17.85
N ASN C 35 -14.34 16.26 18.20
CA ASN C 35 -14.73 14.99 18.87
C ASN C 35 -14.58 13.86 17.86
N PRO C 36 -13.74 12.87 18.18
CA PRO C 36 -13.51 11.76 17.28
C PRO C 36 -14.45 10.56 17.41
N VAL C 37 -15.45 10.62 18.29
CA VAL C 37 -16.33 9.47 18.60
C VAL C 37 -16.93 8.82 17.35
N GLU C 38 -17.48 9.58 16.42
CA GLU C 38 -18.19 9.01 15.26
C GLU C 38 -17.22 8.46 14.21
N ASN C 39 -16.05 9.04 14.10
CA ASN C 39 -15.00 8.53 13.18
C ASN C 39 -14.50 7.20 13.74
N ILE C 40 -14.49 7.08 15.07
CA ILE C 40 -13.98 5.84 15.72
C ILE C 40 -15.06 4.76 15.56
N MET C 41 -16.32 5.13 15.69
CA MET C 41 -17.37 4.14 15.44
C MET C 41 -17.44 3.75 13.97
N LYS C 42 -17.01 4.62 13.06
CA LYS C 42 -17.02 4.27 11.65
C LYS C 42 -15.88 3.34 11.28
N ILE C 43 -14.71 3.51 11.89
CA ILE C 43 -13.59 2.63 11.60
C ILE C 43 -13.90 1.22 12.09
N LEU C 44 -14.58 1.12 13.23
CA LEU C 44 -14.89 -0.20 13.79
C LEU C 44 -15.99 -0.89 12.99
N LYS C 45 -16.86 -0.13 12.33
CA LYS C 45 -17.92 -0.74 11.56
C LYS C 45 -17.39 -1.25 10.22
N GLY C 46 -16.34 -0.62 9.71
CA GLY C 46 -15.74 -1.10 8.47
C GLY C 46 -14.80 -2.27 8.68
N ILE C 47 -14.05 -2.23 9.79
CA ILE C 47 -13.21 -3.38 10.13
C ILE C 47 -14.07 -4.59 10.44
N GLY C 48 -15.17 -4.39 11.16
CA GLY C 48 -16.05 -5.50 11.48
C GLY C 48 -16.70 -6.13 10.27
N GLU C 49 -17.23 -5.31 9.37
CA GLU C 49 -17.86 -5.88 8.18
C GLU C 49 -16.83 -6.54 7.27
N THR C 50 -15.65 -5.96 7.13
CA THR C 50 -14.60 -6.58 6.34
C THR C 50 -14.12 -7.87 7.00
N PHE C 51 -14.00 -7.88 8.32
CA PHE C 51 -13.58 -9.09 9.02
C PHE C 51 -14.66 -10.17 8.95
N CYS C 52 -15.91 -9.79 9.10
CA CYS C 52 -16.97 -10.80 9.14
C CYS C 52 -17.22 -11.36 7.74
N GLN C 53 -16.83 -10.64 6.69
CA GLN C 53 -17.09 -11.10 5.31
C GLN C 53 -15.98 -12.04 4.86
N HIS C 54 -14.75 -11.85 5.29
CA HIS C 54 -13.67 -12.81 4.95
C HIS C 54 -13.72 -13.98 5.93
N TYR C 55 -14.17 -13.76 7.16
CA TYR C 55 -14.37 -14.85 8.10
C TYR C 55 -15.35 -15.88 7.57
N THR C 56 -16.33 -15.44 6.79
CA THR C 56 -17.43 -16.29 6.34
C THR C 56 -17.28 -16.77 4.91
N GLN C 57 -16.27 -16.30 4.17
CA GLN C 57 -16.15 -16.87 2.84
C GLN C 57 -14.84 -17.64 2.75
N SER C 58 -14.96 -18.73 1.99
CA SER C 58 -14.00 -19.82 2.01
C SER C 58 -12.95 -19.62 0.93
N THR C 59 -11.69 -19.56 1.34
CA THR C 59 -10.54 -19.58 0.45
C THR C 59 -10.09 -21.03 0.26
N ASP C 60 -9.37 -21.29 -0.83
CA ASP C 60 -8.68 -22.55 -1.07
C ASP C 60 -7.84 -22.97 0.12
N GLU C 61 -7.17 -21.98 0.72
CA GLU C 61 -6.30 -22.26 1.85
C GLU C 61 -7.00 -22.12 3.19
N GLN C 62 -8.14 -21.44 3.26
CA GLN C 62 -8.80 -21.13 4.53
C GLN C 62 -10.30 -21.32 4.39
N PRO C 63 -10.86 -22.41 4.92
CA PRO C 63 -12.30 -22.59 4.86
C PRO C 63 -13.04 -21.49 5.64
N GLY C 64 -14.26 -21.22 5.22
CA GLY C 64 -15.06 -20.24 5.91
C GLY C 64 -15.72 -20.79 7.16
N SER C 65 -15.96 -19.89 8.10
CA SER C 65 -16.57 -20.25 9.38
C SER C 65 -17.92 -19.54 9.50
N HIS C 66 -18.56 -19.72 10.66
CA HIS C 66 -19.92 -19.27 10.86
C HIS C 66 -19.96 -17.85 11.42
N ILE C 67 -21.01 -17.12 11.05
CA ILE C 67 -21.08 -15.70 11.37
C ILE C 67 -21.33 -15.47 12.86
N ASP C 68 -21.94 -16.46 13.53
CA ASP C 68 -22.23 -16.16 14.93
C ASP C 68 -20.97 -16.27 15.80
N PHE C 69 -19.93 -16.97 15.35
CA PHE C 69 -18.65 -16.91 16.06
C PHE C 69 -17.91 -15.62 15.74
N ALA C 70 -18.03 -15.17 14.52
CA ALA C 70 -17.33 -13.95 14.10
C ALA C 70 -17.85 -12.77 14.91
N VAL C 71 -19.17 -12.67 15.06
CA VAL C 71 -19.76 -11.51 15.76
C VAL C 71 -19.37 -11.59 17.24
N ASN C 72 -18.99 -12.76 17.74
CA ASN C 72 -18.50 -12.91 19.12
C ASN C 72 -17.03 -12.59 19.15
N ARG C 73 -16.27 -13.05 18.15
CA ARG C 73 -14.88 -12.62 18.08
C ARG C 73 -14.78 -11.11 17.91
N LEU C 74 -15.75 -10.52 17.20
CA LEU C 74 -15.71 -9.09 16.96
C LEU C 74 -16.10 -8.30 18.20
N LYS C 75 -17.19 -8.70 18.85
CA LYS C 75 -17.61 -8.00 20.06
C LYS C 75 -16.51 -8.04 21.12
N LEU C 76 -15.86 -9.19 21.29
CA LEU C 76 -14.88 -9.22 22.36
C LEU C 76 -13.63 -8.43 22.00
N ALA C 77 -13.32 -8.25 20.72
CA ALA C 77 -12.22 -7.36 20.35
C ALA C 77 -12.62 -5.90 20.41
N GLU C 78 -13.91 -5.61 20.27
CA GLU C 78 -14.36 -4.23 20.44
C GLU C 78 -14.39 -3.82 21.90
N ILE C 79 -14.53 -4.77 22.82
CA ILE C 79 -14.40 -4.45 24.24
C ILE C 79 -12.95 -4.13 24.57
N LEU C 80 -12.02 -4.92 24.03
CA LEU C 80 -10.60 -4.65 24.24
C LEU C 80 -10.17 -3.33 23.64
N TYR C 81 -10.78 -2.92 22.53
CA TYR C 81 -10.36 -1.68 21.88
C TYR C 81 -10.60 -0.49 22.77
N TYR C 82 -11.83 -0.33 23.27
CA TYR C 82 -12.16 0.85 24.07
C TYR C 82 -11.50 0.82 25.44
N LYS C 83 -11.13 -0.36 25.94
CA LYS C 83 -10.39 -0.44 27.19
C LYS C 83 -8.93 -0.08 27.02
N ILE C 84 -8.31 -0.45 25.90
CA ILE C 84 -6.92 -0.13 25.67
C ILE C 84 -6.78 1.31 25.17
N LEU C 85 -7.72 1.81 24.38
CA LEU C 85 -7.66 3.21 23.96
C LEU C 85 -7.88 4.13 25.15
N GLU C 86 -8.77 3.74 26.07
CA GLU C 86 -8.91 4.67 27.18
C GLU C 86 -7.71 4.59 28.11
N THR C 87 -6.97 3.48 28.20
CA THR C 87 -5.73 3.46 28.97
C THR C 87 -4.65 4.25 28.27
N VAL C 88 -4.62 4.22 26.94
CA VAL C 88 -3.68 4.97 26.12
C VAL C 88 -3.79 6.47 26.40
N MET C 89 -5.02 6.97 26.28
CA MET C 89 -5.23 8.41 26.28
C MET C 89 -5.17 9.00 27.68
N VAL C 90 -5.68 8.28 28.68
CA VAL C 90 -5.60 8.77 30.05
C VAL C 90 -4.13 9.00 30.38
N GLN C 91 -3.27 8.04 29.99
CA GLN C 91 -1.85 8.09 30.38
C GLN C 91 -1.02 8.95 29.44
N GLU C 92 -1.64 9.65 28.51
CA GLU C 92 -0.93 10.54 27.57
C GLU C 92 -0.59 11.84 28.24
N THR C 93 0.53 12.42 27.87
CA THR C 93 1.09 13.73 28.30
C THR C 93 0.00 14.80 28.22
N ARG C 94 -0.50 14.91 27.01
CA ARG C 94 -1.40 16.04 26.67
C ARG C 94 -2.67 15.93 27.51
N ARG C 95 -3.06 14.73 27.91
CA ARG C 95 -4.20 14.64 28.81
C ARG C 95 -3.78 15.05 30.21
N LEU C 96 -2.59 14.65 30.62
CA LEU C 96 -2.07 14.98 31.95
C LEU C 96 -1.72 16.45 32.08
N HIS C 97 -1.41 17.11 30.96
CA HIS C 97 -1.16 18.54 30.99
C HIS C 97 -2.37 19.35 30.56
N GLY C 98 -3.50 18.71 30.27
CA GLY C 98 -4.73 19.38 29.95
C GLY C 98 -4.83 19.92 28.54
N MET C 99 -3.87 19.61 27.68
CA MET C 99 -3.86 20.16 26.34
C MET C 99 -4.76 19.37 25.42
N ASP C 100 -5.20 19.98 24.31
CA ASP C 100 -6.11 19.32 23.34
C ASP C 100 -5.49 18.08 22.70
N MET C 101 -6.30 17.04 22.44
CA MET C 101 -5.80 15.77 21.86
C MET C 101 -6.56 15.41 20.59
N SER C 102 -7.02 16.42 19.83
CA SER C 102 -7.79 16.20 18.57
C SER C 102 -6.90 15.56 17.51
N VAL C 103 -5.69 16.04 17.32
CA VAL C 103 -4.67 15.46 16.41
C VAL C 103 -4.36 14.04 16.85
N LEU C 104 -4.25 13.84 18.17
CA LEU C 104 -3.80 12.49 18.54
C LEU C 104 -4.94 11.47 18.45
N LEU C 105 -6.20 11.87 18.34
CA LEU C 105 -7.32 10.92 18.23
C LEU C 105 -7.92 10.95 16.83
N GLU C 106 -7.32 11.69 15.90
CA GLU C 106 -7.79 11.70 14.48
C GLU C 106 -6.79 10.95 13.59
N GLN C 107 -5.91 10.14 14.20
CA GLN C 107 -5.00 9.29 13.41
C GLN C 107 -5.67 7.94 13.19
N ASP C 108 -6.04 7.66 11.95
CA ASP C 108 -6.83 6.44 11.66
C ASP C 108 -5.96 5.20 11.65
N ILE C 109 -4.73 5.30 11.17
CA ILE C 109 -3.73 4.21 11.15
C ILE C 109 -3.75 3.49 12.50
N PHE C 110 -3.73 4.29 13.56
CA PHE C 110 -3.66 3.80 14.95
C PHE C 110 -4.94 3.06 15.30
N HIS C 111 -6.09 3.67 15.11
CA HIS C 111 -7.37 3.06 15.48
C HIS C 111 -7.56 1.73 14.75
N ARG C 112 -7.19 1.70 13.48
CA ARG C 112 -7.28 0.48 12.65
C ARG C 112 -6.32 -0.59 13.16
N SER C 113 -5.08 -0.20 13.41
CA SER C 113 -4.14 -1.28 13.78
C SER C 113 -4.29 -1.64 15.25
N LEU C 114 -4.88 -0.82 16.11
CA LEU C 114 -5.24 -1.27 17.46
C LEU C 114 -6.40 -2.26 17.36
N MET C 115 -7.41 -2.01 16.52
CA MET C 115 -8.46 -3.02 16.39
C MET C 115 -7.91 -4.30 15.79
N ALA C 116 -7.00 -4.20 14.82
CA ALA C 116 -6.41 -5.38 14.21
C ALA C 116 -5.61 -6.18 15.24
N CYS C 117 -4.86 -5.49 16.09
CA CYS C 117 -4.14 -6.28 17.08
C CYS C 117 -5.04 -6.77 18.20
N CYS C 118 -6.14 -6.11 18.52
CA CYS C 118 -7.11 -6.69 19.45
C CYS C 118 -7.82 -7.89 18.83
N LEU C 119 -8.14 -7.81 17.54
CA LEU C 119 -8.71 -8.98 16.85
C LEU C 119 -7.73 -10.13 16.82
N GLU C 120 -6.45 -9.84 16.63
CA GLU C 120 -5.43 -10.89 16.59
C GLU C 120 -5.19 -11.47 17.97
N ILE C 121 -5.29 -10.64 19.01
CA ILE C 121 -5.23 -11.16 20.38
C ILE C 121 -6.37 -12.14 20.61
N VAL C 122 -7.57 -11.77 20.18
CA VAL C 122 -8.77 -12.58 20.43
C VAL C 122 -8.71 -13.88 19.63
N LEU C 123 -8.30 -13.80 18.37
CA LEU C 123 -8.25 -15.01 17.50
C LEU C 123 -7.20 -16.00 18.00
N PHE C 124 -6.04 -15.52 18.47
CA PHE C 124 -4.95 -16.44 18.89
C PHE C 124 -5.33 -17.10 20.20
N ALA C 125 -6.04 -16.38 21.05
CA ALA C 125 -6.53 -16.96 22.32
C ALA C 125 -7.47 -18.15 22.05
N TYR C 126 -8.15 -18.15 20.91
CA TYR C 126 -9.14 -19.21 20.58
C TYR C 126 -8.50 -20.28 19.71
N SER C 127 -7.22 -20.16 19.39
CA SER C 127 -6.46 -21.12 18.52
C SER C 127 -7.01 -21.11 17.09
N SER C 128 -7.14 -19.93 16.50
CA SER C 128 -7.73 -19.77 15.15
C SER C 128 -6.86 -20.33 14.05
N PRO C 129 -7.48 -21.05 13.10
CA PRO C 129 -6.76 -21.50 11.93
C PRO C 129 -6.23 -20.32 11.11
N ARG C 130 -6.74 -19.12 11.36
CA ARG C 130 -6.36 -17.90 10.64
C ARG C 130 -5.12 -17.28 11.31
N THR C 131 -3.97 -17.83 10.93
CA THR C 131 -2.71 -17.40 11.52
C THR C 131 -2.31 -16.04 10.97
N PHE C 132 -1.57 -15.29 11.79
CA PHE C 132 -1.02 -14.01 11.34
C PHE C 132 -0.15 -14.24 10.11
N PRO C 133 -0.15 -13.32 9.13
CA PRO C 133 -0.81 -12.01 9.11
C PRO C 133 -2.18 -11.98 8.46
N TRP C 134 -3.05 -12.96 8.77
CA TRP C 134 -4.36 -13.02 8.14
C TRP C 134 -5.18 -11.77 8.45
N ILE C 135 -5.05 -11.25 9.66
CA ILE C 135 -5.94 -10.18 10.11
C ILE C 135 -5.60 -8.87 9.41
N ILE C 136 -4.31 -8.59 9.19
CA ILE C 136 -3.92 -7.32 8.61
C ILE C 136 -4.02 -7.37 7.09
N GLU C 137 -4.07 -8.57 6.52
CA GLU C 137 -4.19 -8.70 5.08
C GLU C 137 -5.63 -8.49 4.63
N VAL C 138 -6.58 -9.03 5.38
CA VAL C 138 -8.02 -8.85 5.20
C VAL C 138 -8.39 -7.38 5.35
N LEU C 139 -7.70 -6.74 6.29
CA LEU C 139 -8.00 -5.37 6.69
C LEU C 139 -7.19 -4.35 5.90
N ASN C 140 -6.27 -4.80 5.05
CA ASN C 140 -5.44 -3.91 4.24
C ASN C 140 -4.60 -2.98 5.11
N LEU C 141 -3.91 -3.56 6.08
CA LEU C 141 -3.07 -2.78 6.98
C LEU C 141 -1.61 -3.08 6.73
N GLN C 142 -0.83 -2.04 6.45
CA GLN C 142 0.59 -2.17 6.19
C GLN C 142 1.33 -2.68 7.42
N PRO C 143 2.11 -3.76 7.32
CA PRO C 143 2.92 -4.20 8.45
C PRO C 143 3.85 -3.11 8.95
N PHE C 144 4.36 -2.31 8.01
CA PHE C 144 5.27 -1.22 8.37
C PHE C 144 4.59 -0.19 9.26
N TYR C 145 3.26 -0.06 9.17
CA TYR C 145 2.53 0.86 10.03
C TYR C 145 1.94 0.16 11.26
N PHE C 146 1.62 -1.12 11.13
CA PHE C 146 0.89 -1.84 12.18
C PHE C 146 1.76 -2.17 13.38
N TYR C 147 3.03 -2.51 13.16
CA TYR C 147 3.92 -3.01 14.24
C TYR C 147 4.06 -2.05 15.42
N LYS C 148 3.77 -0.78 15.22
CA LYS C 148 4.05 0.22 16.28
C LYS C 148 3.02 0.17 17.41
N VAL C 149 1.83 -0.38 17.18
CA VAL C 149 0.79 -0.53 18.22
C VAL C 149 1.12 -1.73 19.09
N ILE C 150 1.95 -2.64 18.63
CA ILE C 150 2.22 -3.89 19.39
C ILE C 150 2.88 -3.48 20.71
N GLU C 151 3.89 -2.64 20.64
CA GLU C 151 4.52 -2.14 21.86
C GLU C 151 3.58 -1.29 22.69
N VAL C 152 2.51 -0.77 22.07
CA VAL C 152 1.56 0.04 22.81
C VAL C 152 0.58 -0.83 23.60
N VAL C 153 0.17 -1.96 23.05
CA VAL C 153 -0.82 -2.85 23.71
C VAL C 153 -0.16 -3.60 24.87
N ILE C 154 1.13 -3.88 24.76
CA ILE C 154 1.87 -4.60 25.83
C ILE C 154 2.03 -3.65 26.99
N ARG C 155 2.19 -2.37 26.67
CA ARG C 155 2.34 -1.36 27.73
C ARG C 155 0.98 -0.87 28.23
N SER C 156 -0.08 -0.92 27.42
CA SER C 156 -1.31 -0.45 28.05
C SER C 156 -2.34 -1.53 28.37
N GLU C 157 -1.90 -2.76 28.64
CA GLU C 157 -2.78 -3.89 28.96
C GLU C 157 -1.97 -4.88 29.79
N GLU C 158 -2.07 -4.73 31.10
CA GLU C 158 -1.24 -5.55 32.01
C GLU C 158 -1.94 -6.86 32.36
N GLY C 159 -3.18 -7.02 31.94
CA GLY C 159 -3.88 -8.30 32.12
C GLY C 159 -3.45 -9.31 31.09
N LEU C 160 -2.78 -8.86 30.04
CA LEU C 160 -2.32 -9.75 28.96
C LEU C 160 -1.42 -10.84 29.53
N SER C 161 -1.70 -12.10 29.20
CA SER C 161 -0.86 -13.23 29.62
C SER C 161 0.55 -13.16 29.05
N ARG C 162 1.45 -13.91 29.66
CA ARG C 162 2.85 -13.96 29.22
C ARG C 162 2.94 -14.64 27.87
N ASP C 163 1.94 -15.46 27.54
CA ASP C 163 1.95 -16.19 26.26
C ASP C 163 1.33 -15.30 25.20
N MET C 164 0.45 -14.40 25.61
CA MET C 164 -0.16 -13.43 24.69
C MET C 164 0.89 -12.37 24.30
N VAL C 165 1.73 -11.96 25.24
CA VAL C 165 2.80 -10.97 24.96
C VAL C 165 3.89 -11.70 24.20
N LYS C 166 4.07 -12.98 24.47
CA LYS C 166 5.04 -13.78 23.68
C LYS C 166 4.48 -13.90 22.27
N HIS C 167 3.16 -13.95 22.11
CA HIS C 167 2.77 -13.96 20.71
C HIS C 167 2.86 -12.60 20.02
N LEU C 168 2.56 -11.53 20.76
CA LEU C 168 2.67 -10.19 20.18
C LEU C 168 4.11 -9.87 19.80
N ASN C 169 5.05 -10.25 20.65
CA ASN C 169 6.47 -10.06 20.32
C ASN C 169 6.89 -10.90 19.14
N SER C 170 6.18 -12.00 18.88
CA SER C 170 6.58 -12.81 17.74
C SER C 170 5.99 -12.33 16.43
N ILE C 171 4.77 -11.81 16.39
CA ILE C 171 4.29 -11.25 15.13
C ILE C 171 4.98 -9.93 14.85
N GLU C 172 5.53 -9.28 15.88
CA GLU C 172 6.33 -8.08 15.66
C GLU C 172 7.64 -8.43 15.00
N GLU C 173 8.25 -9.53 15.44
CA GLU C 173 9.50 -9.98 14.81
C GLU C 173 9.26 -10.51 13.41
N GLN C 174 8.06 -11.05 13.14
CA GLN C 174 7.72 -11.45 11.78
C GLN C 174 7.72 -10.27 10.83
N ILE C 175 7.34 -9.09 11.33
CA ILE C 175 7.30 -7.90 10.51
C ILE C 175 8.71 -7.33 10.32
N LEU C 176 9.50 -7.34 11.38
CA LEU C 176 10.83 -6.75 11.32
C LEU C 176 11.79 -7.59 10.48
N GLU C 177 11.39 -8.83 10.19
CA GLU C 177 12.29 -9.79 9.48
C GLU C 177 11.90 -10.03 8.03
N SER C 178 10.67 -9.75 7.64
CA SER C 178 10.24 -10.11 6.28
C SER C 178 9.03 -9.34 5.83
N LEU C 179 7.97 -9.33 6.61
CA LEU C 179 6.69 -8.76 6.15
C LEU C 179 6.80 -7.31 5.68
N ALA C 180 7.55 -6.48 6.40
CA ALA C 180 7.67 -5.05 6.05
C ALA C 180 8.78 -4.82 5.02
N TRP C 181 9.33 -5.90 4.51
CA TRP C 181 10.38 -5.81 3.48
C TRP C 181 9.85 -6.31 2.14
N SER C 182 8.54 -6.51 2.03
CA SER C 182 7.95 -6.90 0.75
C SER C 182 8.03 -5.73 -0.22
N HIS C 183 7.95 -6.04 -1.52
CA HIS C 183 8.16 -5.03 -2.54
C HIS C 183 7.07 -3.95 -2.51
N ASP C 184 5.93 -4.23 -1.90
CA ASP C 184 4.82 -3.30 -1.87
C ASP C 184 4.61 -2.67 -0.49
N SER C 185 5.60 -2.76 0.38
CA SER C 185 5.52 -2.19 1.72
C SER C 185 5.74 -0.69 1.68
N ALA C 186 5.13 0.02 2.63
CA ALA C 186 5.34 1.46 2.78
C ALA C 186 6.71 1.79 3.35
N LEU C 187 7.53 0.79 3.65
CA LEU C 187 8.92 1.04 4.03
C LEU C 187 9.69 1.65 2.87
N TRP C 188 9.39 1.21 1.65
CA TRP C 188 10.13 1.71 0.50
C TRP C 188 9.68 3.12 0.12
N GLU C 189 8.49 3.51 0.58
CA GLU C 189 8.06 4.90 0.41
C GLU C 189 8.76 5.81 1.41
N ALA C 190 8.94 5.34 2.64
CA ALA C 190 9.57 6.16 3.66
C ALA C 190 11.04 6.42 3.33
N LEU C 191 11.74 5.41 2.83
CA LEU C 191 13.10 5.62 2.36
C LEU C 191 13.14 6.63 1.23
N GLN C 192 12.13 6.60 0.36
CA GLN C 192 12.13 7.41 -0.84
C GLN C 192 12.01 8.90 -0.53
N VAL C 193 11.15 9.25 0.43
CA VAL C 193 11.00 10.65 0.79
C VAL C 193 12.20 11.17 1.56
N SER C 194 13.10 10.28 1.99
CA SER C 194 14.31 10.62 2.71
C SER C 194 15.55 10.39 1.87
N ALA C 195 15.41 10.46 0.54
CA ALA C 195 16.53 10.36 -0.39
C ALA C 195 17.19 8.98 -0.35
N ASN C 196 16.43 7.96 0.06
CA ASN C 196 16.92 6.59 0.19
C ASN C 196 18.10 6.49 1.15
N LYS C 197 18.15 7.39 2.12
CA LYS C 197 19.26 7.27 3.07
C LYS C 197 18.78 6.45 4.26
N VAL C 198 19.34 5.25 4.27
CA VAL C 198 19.02 4.32 5.35
C VAL C 198 19.68 4.79 6.63
N PRO C 199 19.00 4.68 7.76
CA PRO C 199 19.61 5.07 9.03
C PRO C 199 20.65 4.06 9.48
N THR C 200 21.84 4.56 9.77
CA THR C 200 22.92 3.71 10.25
C THR C 200 22.68 3.34 11.72
N CYS C 201 23.42 2.33 12.17
CA CYS C 201 23.31 1.82 13.54
C CYS C 201 23.58 2.90 14.56
N GLU C 202 24.55 3.75 14.21
CA GLU C 202 25.01 4.89 15.04
C GLU C 202 23.88 5.89 15.24
N GLU C 203 23.08 6.04 14.20
CA GLU C 203 22.03 7.08 14.19
C GLU C 203 20.81 6.62 14.99
N VAL C 204 20.57 5.31 15.10
CA VAL C 204 19.31 4.85 15.75
C VAL C 204 19.58 4.11 17.05
N ILE C 205 20.65 3.33 17.13
CA ILE C 205 20.96 2.49 18.33
C ILE C 205 21.65 3.35 19.38
N PHE C 206 22.45 4.32 18.92
CA PHE C 206 23.12 5.26 19.83
C PHE C 206 22.52 6.61 19.50
N PRO C 207 21.23 6.86 19.85
CA PRO C 207 20.56 8.08 19.47
C PRO C 207 20.78 9.14 20.53
N ASN C 208 21.75 8.94 21.42
CA ASN C 208 21.95 9.81 22.60
C ASN C 208 23.37 10.35 22.60
N ASN C 209 24.30 9.66 21.92
CA ASN C 209 25.74 10.01 21.88
C ASN C 209 25.98 11.11 20.82
N PHE C 210 26.21 12.36 21.25
CA PHE C 210 26.36 13.48 20.28
C PHE C 210 27.69 14.19 20.53
N THR C 220 13.72 10.21 15.90
CA THR C 220 12.40 9.55 15.64
C THR C 220 12.06 9.64 14.16
N GLY C 221 10.94 9.05 13.80
CA GLY C 221 10.61 8.91 12.39
C GLY C 221 10.20 7.49 12.16
N SER C 222 9.15 7.29 11.40
CA SER C 222 8.71 5.93 10.99
C SER C 222 9.95 5.06 10.72
N LEU C 223 10.90 5.63 10.01
CA LEU C 223 12.10 4.91 9.57
C LEU C 223 13.05 4.78 10.73
N ALA C 224 13.22 5.84 11.51
CA ALA C 224 14.17 5.67 12.61
C ALA C 224 13.69 4.61 13.59
N LEU C 225 12.41 4.63 13.93
CA LEU C 225 12.08 3.61 14.91
C LEU C 225 11.87 2.24 14.28
N PHE C 226 11.74 2.12 12.95
CA PHE C 226 11.76 0.80 12.33
C PHE C 226 13.15 0.20 12.34
N TYR C 227 14.14 0.96 11.87
CA TYR C 227 15.50 0.42 11.81
C TYR C 227 16.09 0.26 13.20
N ARG C 228 15.56 1.00 14.18
CA ARG C 228 15.91 0.83 15.59
C ARG C 228 15.57 -0.58 16.07
N LYS C 229 14.37 -1.04 15.68
CA LYS C 229 13.90 -2.37 16.03
C LYS C 229 14.64 -3.44 15.23
N VAL C 230 14.87 -3.15 13.95
CA VAL C 230 15.54 -4.10 13.06
C VAL C 230 16.96 -4.36 13.53
N TYR C 231 17.69 -3.29 13.87
CA TYR C 231 19.04 -3.44 14.37
C TYR C 231 19.06 -4.15 15.72
N HIS C 232 18.04 -3.90 16.54
CA HIS C 232 17.95 -4.56 17.84
C HIS C 232 17.74 -6.06 17.68
N LEU C 233 16.77 -6.42 16.83
CA LEU C 233 16.47 -7.83 16.58
C LEU C 233 17.68 -8.57 16.04
N ALA C 234 18.34 -7.97 15.05
CA ALA C 234 19.49 -8.64 14.43
C ALA C 234 20.66 -8.76 15.39
N SER C 235 20.81 -7.83 16.32
CA SER C 235 21.97 -8.04 17.17
C SER C 235 21.66 -9.01 18.30
N VAL C 236 20.39 -9.27 18.64
CA VAL C 236 19.96 -10.38 19.48
C VAL C 236 20.38 -11.70 18.86
N ARG C 237 20.00 -11.83 17.59
CA ARG C 237 20.17 -13.11 16.90
C ARG C 237 21.62 -13.39 16.57
N LEU C 238 22.43 -12.35 16.40
CA LEU C 238 23.84 -12.56 16.11
C LEU C 238 24.60 -12.97 17.36
N ARG C 239 24.28 -12.33 18.49
CA ARG C 239 24.90 -12.66 19.77
C ARG C 239 24.73 -14.13 20.12
N ASP C 240 23.54 -14.64 19.89
CA ASP C 240 23.20 -16.04 20.14
C ASP C 240 23.96 -16.95 19.18
N LEU C 241 23.99 -16.56 17.93
CA LEU C 241 24.65 -17.40 16.94
C LEU C 241 26.18 -17.31 17.06
N CYS C 242 26.71 -16.19 17.57
CA CYS C 242 28.16 -16.20 17.70
C CYS C 242 28.61 -16.85 19.00
N LEU C 243 27.69 -17.12 19.93
CA LEU C 243 28.19 -17.87 21.10
C LEU C 243 28.15 -19.34 20.78
N LYS C 244 27.21 -19.85 20.00
CA LYS C 244 27.15 -21.30 19.66
C LYS C 244 28.14 -21.64 18.54
N LEU C 245 29.03 -20.73 18.19
CA LEU C 245 30.10 -21.07 17.24
C LEU C 245 31.41 -20.52 17.81
N ASP C 246 31.38 -20.05 19.08
CA ASP C 246 32.62 -19.58 19.75
C ASP C 246 33.43 -18.41 19.21
N VAL C 247 32.78 -17.46 18.55
CA VAL C 247 33.42 -16.51 17.61
C VAL C 247 34.06 -15.37 18.42
N SER C 248 35.15 -14.81 17.91
CA SER C 248 35.81 -13.69 18.61
C SER C 248 34.94 -12.45 18.53
N ASN C 249 35.08 -11.58 19.52
CA ASN C 249 34.19 -10.39 19.58
C ASN C 249 34.66 -9.40 18.53
N GLU C 250 35.84 -9.62 17.96
CA GLU C 250 36.34 -8.74 16.88
C GLU C 250 35.68 -9.17 15.59
N LEU C 251 35.44 -10.46 15.43
CA LEU C 251 34.74 -10.95 14.22
C LEU C 251 33.26 -10.61 14.33
N ARG C 252 32.72 -10.60 15.55
CA ARG C 252 31.31 -10.20 15.72
C ARG C 252 31.17 -8.81 15.17
N ARG C 253 32.02 -7.89 15.62
CA ARG C 253 31.95 -6.48 15.18
C ARG C 253 32.29 -6.37 13.68
N LYS C 254 32.94 -7.36 13.10
CA LYS C 254 33.21 -7.37 11.64
C LYS C 254 31.98 -7.84 10.87
N ILE C 255 31.21 -8.77 11.42
CA ILE C 255 29.96 -9.25 10.77
C ILE C 255 28.92 -8.15 10.95
N TRP C 256 28.98 -7.41 12.04
CA TRP C 256 28.01 -6.34 12.32
C TRP C 256 28.23 -5.21 11.35
N THR C 257 29.49 -4.87 11.15
CA THR C 257 29.83 -3.80 10.21
C THR C 257 29.43 -4.26 8.81
N CYS C 258 29.43 -5.56 8.53
CA CYS C 258 29.06 -5.95 7.18
C CYS C 258 27.55 -6.09 7.04
N PHE C 259 26.85 -6.55 8.08
CA PHE C 259 25.39 -6.59 8.03
C PHE C 259 24.81 -5.19 7.91
N GLU C 260 25.38 -4.24 8.63
CA GLU C 260 24.94 -2.85 8.50
C GLU C 260 25.20 -2.33 7.10
N PHE C 261 26.35 -2.66 6.52
CA PHE C 261 26.65 -2.27 5.15
C PHE C 261 25.62 -2.82 4.18
N THR C 262 25.18 -4.06 4.39
CA THR C 262 24.21 -4.67 3.48
C THR C 262 22.83 -4.04 3.64
N LEU C 263 22.61 -3.30 4.73
CA LEU C 263 21.32 -2.64 4.90
C LEU C 263 21.38 -1.20 4.43
N VAL C 264 22.45 -0.49 4.75
CA VAL C 264 22.58 0.92 4.40
C VAL C 264 22.95 1.10 2.93
N HIS C 265 23.94 0.35 2.44
CA HIS C 265 24.40 0.52 1.08
C HIS C 265 23.89 -0.53 0.10
N CYS C 266 23.29 -1.62 0.58
CA CYS C 266 22.61 -2.47 -0.40
C CYS C 266 21.23 -2.90 0.10
N PRO C 267 20.40 -1.85 0.22
CA PRO C 267 19.06 -2.05 0.81
C PRO C 267 18.15 -2.92 -0.03
N ASP C 268 18.38 -3.01 -1.34
CA ASP C 268 17.49 -3.79 -2.19
C ASP C 268 17.69 -5.29 -2.02
N LEU C 269 18.74 -5.71 -1.31
CA LEU C 269 18.85 -7.16 -1.18
C LEU C 269 17.91 -7.72 -0.13
N MET C 270 17.22 -6.88 0.64
CA MET C 270 16.22 -7.34 1.58
C MET C 270 14.81 -7.34 1.02
N LYS C 271 14.62 -6.86 -0.21
CA LYS C 271 13.28 -6.76 -0.78
C LYS C 271 12.73 -8.16 -1.04
N ASP C 272 11.62 -8.49 -0.40
CA ASP C 272 10.96 -9.79 -0.52
C ASP C 272 11.85 -10.93 -0.03
N ARG C 273 12.72 -10.63 0.94
CA ARG C 273 13.61 -11.61 1.54
C ARG C 273 13.52 -11.55 3.06
N HIS C 274 14.25 -12.44 3.71
CA HIS C 274 14.22 -12.61 5.16
C HIS C 274 15.47 -11.98 5.77
N LEU C 275 15.32 -11.41 6.96
CA LEU C 275 16.42 -10.68 7.57
C LEU C 275 17.58 -11.59 7.93
N ASP C 276 17.30 -12.84 8.27
CA ASP C 276 18.37 -13.76 8.66
C ASP C 276 19.13 -14.28 7.45
N GLN C 277 18.55 -14.16 6.25
CA GLN C 277 19.26 -14.53 5.04
C GLN C 277 20.45 -13.60 4.80
N LEU C 278 20.29 -12.32 5.12
CA LEU C 278 21.38 -11.38 4.99
C LEU C 278 22.31 -11.41 6.20
N LEU C 279 21.85 -11.97 7.32
CA LEU C 279 22.75 -12.03 8.47
C LEU C 279 23.65 -13.25 8.41
N LEU C 280 23.21 -14.37 7.82
CA LEU C 280 24.16 -15.46 7.77
C LEU C 280 25.12 -15.30 6.59
N CYS C 281 24.73 -14.64 5.50
CA CYS C 281 25.67 -14.34 4.43
C CYS C 281 26.75 -13.39 4.91
N ALA C 282 26.37 -12.42 5.74
CA ALA C 282 27.35 -11.53 6.35
C ALA C 282 28.19 -12.28 7.36
N PHE C 283 27.61 -13.29 8.01
CA PHE C 283 28.37 -14.13 8.92
C PHE C 283 29.44 -14.91 8.19
N TYR C 284 29.04 -15.59 7.11
CA TYR C 284 29.96 -16.49 6.42
C TYR C 284 31.03 -15.74 5.64
N ILE C 285 30.65 -14.64 5.00
CA ILE C 285 31.58 -13.91 4.14
C ILE C 285 32.70 -13.27 4.95
N MET C 286 32.39 -12.87 6.19
CA MET C 286 33.41 -12.24 7.03
C MET C 286 34.18 -13.28 7.83
N ALA C 287 33.54 -14.39 8.17
CA ALA C 287 34.26 -15.50 8.78
C ALA C 287 35.27 -16.08 7.81
N LYS C 288 34.97 -16.04 6.51
CA LYS C 288 35.92 -16.53 5.52
C LYS C 288 37.03 -15.51 5.25
N VAL C 289 36.67 -14.23 5.11
CA VAL C 289 37.78 -13.36 4.75
C VAL C 289 38.65 -13.08 5.98
N THR C 290 38.24 -13.52 7.16
CA THR C 290 39.23 -13.66 8.22
C THR C 290 39.59 -15.14 8.38
N LYS C 291 40.66 -15.37 9.15
CA LYS C 291 41.13 -16.73 9.39
C LYS C 291 40.16 -17.55 10.22
N GLU C 292 39.06 -16.96 10.66
CA GLU C 292 38.04 -17.66 11.45
C GLU C 292 36.98 -18.27 10.55
N GLU C 293 37.47 -18.96 9.51
CA GLU C 293 36.52 -19.47 8.51
C GLU C 293 35.65 -20.56 9.09
N ARG C 294 34.36 -20.28 9.01
CA ARG C 294 33.31 -21.17 9.50
C ARG C 294 32.50 -21.56 8.27
N THR C 295 31.96 -22.77 8.21
CA THR C 295 31.23 -22.92 6.94
C THR C 295 29.74 -22.93 7.21
N PHE C 296 29.01 -22.74 6.11
CA PHE C 296 27.54 -22.61 6.24
C PHE C 296 27.05 -23.78 7.08
N GLN C 297 27.74 -24.91 6.96
CA GLN C 297 27.34 -26.13 7.71
C GLN C 297 27.18 -25.86 9.20
N GLU C 298 28.25 -25.42 9.85
CA GLU C 298 28.21 -25.21 11.31
C GLU C 298 27.32 -24.01 11.64
N ILE C 299 27.21 -23.06 10.71
CA ILE C 299 26.41 -21.82 10.94
C ILE C 299 24.93 -22.18 10.98
N MET C 300 24.48 -22.99 10.03
CA MET C 300 23.03 -23.23 10.01
C MET C 300 22.63 -24.25 11.08
N LYS C 301 23.54 -25.07 11.59
CA LYS C 301 23.02 -25.89 12.70
C LYS C 301 23.08 -25.05 13.97
N SER C 302 23.97 -24.08 14.03
CA SER C 302 23.88 -23.14 15.18
C SER C 302 22.68 -22.20 15.00
N TYR C 303 22.17 -22.03 13.77
CA TYR C 303 21.06 -21.09 13.52
C TYR C 303 19.80 -21.91 13.75
N ARG C 304 19.88 -23.21 13.54
CA ARG C 304 18.57 -23.92 13.60
C ARG C 304 18.11 -24.07 15.05
N ASN C 305 18.91 -23.69 16.04
CA ASN C 305 18.45 -23.58 17.44
C ASN C 305 17.53 -22.40 17.73
N GLN C 306 17.52 -21.37 16.88
CA GLN C 306 16.78 -20.16 17.15
C GLN C 306 15.30 -20.38 16.85
N PRO C 307 14.40 -19.69 17.57
CA PRO C 307 12.96 -19.97 17.39
C PRO C 307 12.44 -19.59 16.02
N GLN C 308 12.78 -18.39 15.54
CA GLN C 308 12.31 -17.94 14.23
C GLN C 308 12.87 -18.77 13.08
N ALA C 309 13.85 -19.62 13.36
CA ALA C 309 14.48 -20.40 12.29
C ALA C 309 13.48 -21.41 11.76
N ASN C 310 13.36 -21.45 10.43
CA ASN C 310 12.61 -22.55 9.88
C ASN C 310 13.37 -23.13 8.70
N SER C 311 12.70 -23.93 7.87
CA SER C 311 13.52 -24.63 6.88
C SER C 311 13.53 -23.76 5.64
N HIS C 312 12.55 -22.89 5.44
CA HIS C 312 12.49 -22.10 4.22
C HIS C 312 13.46 -20.91 4.25
N VAL C 313 14.11 -20.67 5.38
CA VAL C 313 14.97 -19.49 5.47
C VAL C 313 16.25 -19.70 4.69
N TYR C 314 16.86 -20.89 4.80
CA TYR C 314 18.10 -21.18 4.09
C TYR C 314 17.92 -22.12 2.92
N ARG C 315 16.70 -22.64 2.69
CA ARG C 315 16.45 -23.53 1.56
C ARG C 315 15.55 -22.92 0.50
N SER C 316 14.78 -21.88 0.83
CA SER C 316 13.83 -21.23 -0.09
C SER C 316 14.16 -19.73 -0.12
N VAL C 317 15.07 -19.34 -0.98
CA VAL C 317 15.65 -18.00 -1.03
C VAL C 317 15.31 -17.37 -2.37
N LEU C 318 14.86 -16.11 -2.36
CA LEU C 318 14.56 -15.40 -3.60
C LEU C 318 15.84 -15.12 -4.39
N LEU C 319 15.76 -15.28 -5.71
CA LEU C 319 16.94 -15.02 -6.52
C LEU C 319 16.64 -14.14 -7.72
N LYS C 320 15.48 -14.24 -8.36
CA LYS C 320 15.12 -13.35 -9.44
C LYS C 320 13.61 -13.38 -9.66
N SER C 321 13.10 -12.31 -10.23
CA SER C 321 11.68 -12.19 -10.54
C SER C 321 11.45 -11.28 -11.74
N GLU C 324 9.81 -15.53 -11.67
CA GLU C 324 10.41 -15.81 -10.37
C GLU C 324 11.11 -17.16 -10.37
N GLU C 325 12.21 -17.10 -9.62
CA GLU C 325 13.10 -18.24 -9.45
C GLU C 325 13.67 -18.25 -8.04
N ARG C 326 13.41 -19.32 -7.29
CA ARG C 326 13.94 -19.38 -5.93
C ARG C 326 14.83 -20.60 -5.75
N GLY C 327 15.91 -20.36 -5.00
CA GLY C 327 16.93 -21.36 -4.78
C GLY C 327 17.17 -21.61 -3.30
N ASP C 328 18.45 -21.64 -2.89
CA ASP C 328 18.80 -21.82 -1.49
C ASP C 328 19.94 -20.87 -1.12
N LEU C 329 20.36 -20.94 0.15
CA LEU C 329 21.18 -19.83 0.59
C LEU C 329 22.62 -20.03 0.09
N ILE C 330 23.10 -21.25 -0.13
CA ILE C 330 24.44 -21.28 -0.70
C ILE C 330 24.39 -20.89 -2.18
N LYS C 331 23.28 -21.08 -2.88
CA LYS C 331 23.20 -20.54 -4.24
C LYS C 331 22.97 -19.04 -4.25
N PHE C 332 22.23 -18.52 -3.27
CA PHE C 332 22.00 -17.07 -3.19
C PHE C 332 23.28 -16.33 -2.85
N TYR C 333 24.08 -16.90 -1.95
CA TYR C 333 25.34 -16.27 -1.58
C TYR C 333 26.28 -16.15 -2.76
N ASN C 334 26.28 -17.16 -3.64
CA ASN C 334 27.24 -17.22 -4.74
C ASN C 334 26.78 -16.39 -5.93
N THR C 335 25.48 -16.36 -6.20
CA THR C 335 24.88 -15.69 -7.35
C THR C 335 24.75 -14.19 -7.15
N ILE C 336 24.28 -13.81 -5.96
CA ILE C 336 23.76 -12.49 -5.64
C ILE C 336 24.65 -11.75 -4.67
N TYR C 337 24.92 -12.39 -3.53
CA TYR C 337 25.60 -11.69 -2.41
C TYR C 337 27.06 -11.35 -2.65
N VAL C 338 27.90 -12.34 -2.94
CA VAL C 338 29.36 -12.06 -3.06
C VAL C 338 29.62 -10.85 -3.94
N GLY C 339 28.99 -10.77 -5.11
CA GLY C 339 29.30 -9.67 -6.05
C GLY C 339 29.07 -8.31 -5.48
N ARG C 340 28.04 -8.17 -4.67
CA ARG C 340 27.69 -6.85 -4.17
C ARG C 340 28.33 -6.51 -2.84
N VAL C 341 28.94 -7.46 -2.14
CA VAL C 341 29.53 -7.06 -0.84
C VAL C 341 31.05 -7.35 -0.85
N LYS C 342 31.56 -8.07 -1.83
CA LYS C 342 32.99 -8.47 -1.87
C LYS C 342 33.92 -7.28 -1.67
N SER C 343 33.74 -6.18 -2.39
CA SER C 343 34.59 -4.99 -2.16
C SER C 343 34.72 -4.73 -0.67
N PHE C 344 33.60 -4.43 -0.02
CA PHE C 344 33.60 -4.11 1.44
C PHE C 344 34.28 -5.24 2.23
N ALA C 345 33.96 -6.48 1.96
CA ALA C 345 34.58 -7.53 2.77
C ALA C 345 36.06 -7.69 2.46
N LEU C 346 36.43 -7.58 1.19
CA LEU C 346 37.83 -7.73 0.78
C LEU C 346 38.73 -6.69 1.40
N LYS C 347 38.11 -5.62 1.91
CA LYS C 347 38.85 -4.48 2.51
C LYS C 347 39.45 -4.90 3.84
N TYR C 348 39.07 -6.08 4.30
CA TYR C 348 39.62 -6.61 5.56
C TYR C 348 40.42 -7.88 5.22
N ASP C 349 41.27 -7.80 4.20
CA ASP C 349 42.18 -8.92 3.85
C ASP C 349 43.53 -8.67 4.52
N PRO C 361 36.31 1.16 8.65
CA PRO C 361 35.95 1.47 10.05
C PRO C 361 34.88 0.50 10.57
N LEU C 362 35.02 0.04 11.82
CA LEU C 362 34.03 -0.99 12.23
C LEU C 362 33.01 -0.41 13.21
N SER C 363 31.79 -0.93 13.08
CA SER C 363 30.59 -0.45 13.83
C SER C 363 30.51 -1.15 15.19
N PRO C 364 30.40 -0.47 16.36
CA PRO C 364 30.26 -1.15 17.65
C PRO C 364 29.04 -2.06 17.78
N PHE C 365 29.24 -3.25 18.37
CA PHE C 365 28.12 -4.19 18.59
C PHE C 365 27.30 -3.74 19.79
N PRO C 366 25.98 -3.52 19.65
CA PRO C 366 25.21 -2.99 20.74
C PRO C 366 24.96 -3.98 21.88
N HIS C 367 24.86 -3.49 23.12
CA HIS C 367 24.48 -4.35 24.26
C HIS C 367 23.02 -4.76 24.08
N ILE C 368 22.64 -5.95 24.54
CA ILE C 368 21.26 -6.48 24.26
C ILE C 368 20.18 -5.87 25.19
N LYS C 369 20.12 -6.20 26.48
CA LYS C 369 18.99 -5.66 27.30
C LYS C 369 19.38 -5.45 28.77
N GLN C 370 19.08 -4.28 29.36
CA GLN C 370 19.42 -3.98 30.78
C GLN C 370 20.87 -4.32 31.08
N THR D 4 37.02 -15.48 -6.24
CA THR D 4 37.09 -14.39 -5.23
C THR D 4 36.85 -15.00 -3.85
N LEU D 5 35.68 -14.75 -3.26
CA LEU D 5 35.34 -15.29 -1.92
C LEU D 5 34.21 -16.29 -2.10
N VAL D 6 34.29 -17.09 -3.16
CA VAL D 6 33.24 -18.08 -3.53
C VAL D 6 33.09 -19.11 -2.42
N CYS D 7 31.95 -19.77 -2.32
CA CYS D 7 31.79 -20.82 -1.29
C CYS D 7 31.41 -22.13 -1.95
N HIS D 8 32.36 -23.03 -2.13
CA HIS D 8 31.99 -24.37 -2.64
C HIS D 8 31.81 -25.27 -1.44
N GLU D 9 30.56 -25.48 -1.03
CA GLU D 9 30.33 -26.26 0.21
C GLU D 9 29.24 -27.30 -0.01
N VAL D 10 28.31 -27.08 -0.95
CA VAL D 10 27.18 -28.07 -1.05
C VAL D 10 27.70 -29.42 -1.57
#